data_2YNG
#
_entry.id   2YNG
#
_cell.length_a   118.876
_cell.length_b   154.627
_cell.length_c   156.958
_cell.angle_alpha   90.00
_cell.angle_beta   90.00
_cell.angle_gamma   90.00
#
_symmetry.space_group_name_H-M   'C 2 2 21'
#
loop_
_entity.id
_entity.type
_entity.pdbx_description
1 polymer 'REVERSE TRANSCRIPTASE/RIBONUCLEASE H'
2 polymer 'P51 RT'
3 non-polymer 'MAGNESIUM ION'
4 non-polymer 'S,R MESO-TARTARIC ACID'
5 non-polymer 2-azanyl-N-[[4-bromanyl-3-(3-chloranyl-5-cyano-phenoxy)-2-fluoranyl-phenyl]methyl]-4-chloranyl-1H-imidazole-5-carboxamide
6 water water
#
loop_
_entity_poly.entity_id
_entity_poly.type
_entity_poly.pdbx_seq_one_letter_code
_entity_poly.pdbx_strand_id
1 'polypeptide(L)'
;MNSPISPIETVPVKLKPGMDGPKVKQWPLTEEKIKALVEICTEMEKEGKISKIGPENPYNTPVFAIKKKDSTKWRKLVDF
RELNKRTQDFWEVQLGIPHPAGLKKKKSVTVLDVGDAYFSVPLDEDFRKYTAFTIPSINNETPGIRYQYNVLPQGWKGSP
AIFQSSMTKILEPFRKQNPDIVIYQYMDDLYVGSDLEIGQHRTKIEELRQHLLRWGLTTPDKKHQKEPPFLWMGYELHPD
KWTVQPIVLPEKDSWTVNDIQKLVGKLNWASQIYPGIKVRQLCKLLRGTKALTEVIPLTEEAELELAENREILKEPVHGV
YYDPSKDLIAEIQKQGQGQWTYQIYQEPFKNLKTGKYARMRGAHTNDVKQLTEAVQKITTESIVIWGKTPKFKLPIQKET
WETWWTEYWQATWIPEWEFVNTPPLVKLWYQLEKEPIVGAETFYVDGAANRETKLGKAGYVTNRGRQKVVTLTDTTNQKT
ELQAIYLALQDSGLEVNIVTDSQYALGIIQAQPDQSESELVNQIIEQLIKKEKVYLAWVPAHKGIGGNEQVDKLVSAGIR
KVL
;
A
2 'polypeptide(L)'
;MAGHHHHHHGSAENLYFQGPISPIETVPVKLKPGMDGPKVKQWPLTEEKIKALVEICTEMEKEGKISKIGPENPYNTPVF
AIKKKDSTKWRKLVDFRELNKRTQDFWEVQLGIPHPAGLKKKKSVTVLDVGDAYFSVPLDEDFRKYTAFTIPSINNETPG
IRYQYNVLPQGWKGSPAIFQSSMTKILEPFRKQNPDIVIYQYMDDLYVGSDLEIGQHRTKIEELRQHLLRWGLTTPDKKH
QKEPPFLWMGYELHPDKWTVQPIVLPEKDSWTVNDIQKLVGKLNWASQIYPGIKVRQLCKLLRGTKALTEVIPLTEEAEL
ELAENREILKEPVHGVYYDPSKDLIAEIQKQGQGQWTYQIYQEPFKNLKTGKYARMRGAHTNDVKQLTEAVQKITTESIV
IWGKTPKFKLPIQKETWETWWTEYWQATWIPEWEFVNTPPLVKLWYQ
;
B
#
loop_
_chem_comp.id
_chem_comp.type
_chem_comp.name
_chem_comp.formula
MG non-polymer 'MAGNESIUM ION' 'Mg 2'
SRT non-polymer 'S,R MESO-TARTARIC ACID' 'C4 H6 O6'
WHU non-polymer 2-azanyl-N-[[4-bromanyl-3-(3-chloranyl-5-cyano-phenoxy)-2-fluoranyl-phenyl]methyl]-4-chloranyl-1H-imidazole-5-carboxamide 'C18 H11 Br Cl2 F N5 O2'
#
# COMPACT_ATOMS: atom_id res chain seq x y z
N ASN A 2 -16.19 41.18 -22.40
CA ASN A 2 -16.44 40.61 -21.04
C ASN A 2 -15.13 40.68 -20.23
N SER A 3 -14.49 39.54 -19.97
CA SER A 3 -13.46 39.47 -18.93
C SER A 3 -12.08 39.19 -19.52
N PRO A 4 -11.03 39.48 -18.73
CA PRO A 4 -9.68 39.17 -19.13
C PRO A 4 -9.45 37.70 -19.48
N ILE A 5 -8.49 37.47 -20.36
CA ILE A 5 -7.94 36.13 -20.58
C ILE A 5 -6.49 36.23 -20.12
N SER A 6 -6.07 35.33 -19.23
CA SER A 6 -4.73 35.43 -18.65
C SER A 6 -3.60 35.49 -19.69
N PRO A 7 -2.62 36.39 -19.51
CA PRO A 7 -1.44 36.38 -20.37
C PRO A 7 -0.40 35.28 -19.97
N ILE A 8 -0.80 34.33 -19.13
CA ILE A 8 0.08 33.23 -18.79
C ILE A 8 0.43 32.38 -20.01
N GLU A 9 1.63 31.81 -20.00
CA GLU A 9 2.04 30.86 -21.03
C GLU A 9 1.06 29.68 -21.07
N THR A 10 0.83 29.16 -22.27
CA THR A 10 -0.06 28.02 -22.44
C THR A 10 0.66 26.71 -22.13
N VAL A 11 -0.11 25.69 -21.79
CA VAL A 11 0.43 24.35 -21.61
C VAL A 11 0.35 23.64 -22.96
N PRO A 12 1.46 23.04 -23.45
CA PRO A 12 1.33 22.31 -24.69
C PRO A 12 0.51 21.05 -24.48
N VAL A 13 -0.38 20.75 -25.43
CA VAL A 13 -1.32 19.63 -25.32
C VAL A 13 -1.27 18.76 -26.58
N LYS A 14 -1.28 17.44 -26.41
CA LYS A 14 -1.27 16.52 -27.53
C LYS A 14 -2.52 15.63 -27.52
N LEU A 15 -2.86 15.10 -28.69
CA LEU A 15 -3.80 14.00 -28.79
C LEU A 15 -3.04 12.74 -28.40
N LYS A 16 -3.76 11.68 -28.10
CA LYS A 16 -3.13 10.38 -27.79
C LYS A 16 -2.42 9.88 -29.03
N PRO A 17 -1.29 9.16 -28.87
CA PRO A 17 -0.49 8.75 -30.02
C PRO A 17 -1.30 8.02 -31.07
N GLY A 18 -1.00 8.30 -32.34
CA GLY A 18 -1.69 7.67 -33.46
C GLY A 18 -3.07 8.21 -33.80
N MET A 19 -3.69 8.95 -32.88
CA MET A 19 -5.07 9.40 -33.10
C MET A 19 -5.13 10.80 -33.72
N ASP A 20 -6.15 11.02 -34.54
CA ASP A 20 -6.41 12.32 -35.15
C ASP A 20 -7.54 13.01 -34.38
N GLY A 21 -7.79 14.26 -34.69
CA GLY A 21 -8.87 14.98 -34.07
C GLY A 21 -10.26 14.45 -34.42
N PRO A 22 -11.26 14.88 -33.65
CA PRO A 22 -12.63 14.45 -33.87
C PRO A 22 -13.26 15.04 -35.13
N LYS A 23 -14.14 14.28 -35.77
CA LYS A 23 -14.85 14.73 -36.96
C LYS A 23 -16.28 14.22 -36.89
N VAL A 24 -17.04 14.77 -35.95
CA VAL A 24 -18.37 14.29 -35.63
C VAL A 24 -19.37 15.21 -36.28
N LYS A 25 -20.32 14.62 -37.00
CA LYS A 25 -21.25 15.38 -37.81
C LYS A 25 -22.18 16.22 -36.92
N GLN A 26 -22.44 17.45 -37.34
CA GLN A 26 -23.45 18.28 -36.72
C GLN A 26 -24.83 17.95 -37.27
N TRP A 27 -25.75 17.61 -36.37
CA TRP A 27 -27.17 17.36 -36.69
C TRP A 27 -27.91 18.65 -36.94
N PRO A 28 -28.93 18.65 -37.84
CA PRO A 28 -29.71 19.86 -38.06
C PRO A 28 -30.40 20.34 -36.79
N LEU A 29 -30.51 21.65 -36.63
CA LEU A 29 -31.10 22.23 -35.41
C LEU A 29 -32.28 23.11 -35.76
N THR A 30 -33.21 23.27 -34.83
CA THR A 30 -34.31 24.19 -35.01
C THR A 30 -33.79 25.62 -35.25
N GLU A 31 -34.56 26.42 -35.97
CA GLU A 31 -34.21 27.82 -36.26
C GLU A 31 -33.93 28.58 -34.97
N GLU A 32 -34.77 28.30 -33.98
CA GLU A 32 -34.67 28.87 -32.64
C GLU A 32 -33.31 28.60 -31.98
N LYS A 33 -32.90 27.35 -32.02
CA LYS A 33 -31.63 26.99 -31.45
C LYS A 33 -30.50 27.64 -32.25
N ILE A 34 -30.62 27.65 -33.58
CA ILE A 34 -29.62 28.26 -34.43
C ILE A 34 -29.46 29.75 -34.12
N LYS A 35 -30.58 30.47 -34.02
CA LYS A 35 -30.55 31.88 -33.65
C LYS A 35 -29.90 32.10 -32.28
N ALA A 36 -30.25 31.27 -31.30
CA ALA A 36 -29.63 31.37 -29.96
C ALA A 36 -28.14 31.22 -30.06
N LEU A 37 -27.66 30.21 -30.78
CA LEU A 37 -26.23 29.95 -30.88
C LEU A 37 -25.47 31.09 -31.58
N VAL A 38 -26.08 31.69 -32.59
CA VAL A 38 -25.43 32.79 -33.31
C VAL A 38 -25.23 33.95 -32.34
N GLU A 39 -26.25 34.27 -31.56
CA GLU A 39 -26.14 35.33 -30.58
C GLU A 39 -25.06 35.03 -29.53
N ILE A 40 -25.08 33.81 -28.99
CA ILE A 40 -24.10 33.38 -27.99
C ILE A 40 -22.68 33.46 -28.55
N CYS A 41 -22.47 32.89 -29.73
CA CYS A 41 -21.14 32.81 -30.29
C CYS A 41 -20.62 34.18 -30.74
N THR A 42 -21.51 35.01 -31.26
CA THR A 42 -21.13 36.38 -31.59
C THR A 42 -20.50 37.06 -30.35
N GLU A 43 -21.16 36.93 -29.21
CA GLU A 43 -20.72 37.63 -28.00
C GLU A 43 -19.41 37.01 -27.46
N MET A 44 -19.33 35.67 -27.48
CA MET A 44 -18.10 34.97 -27.08
C MET A 44 -16.92 35.35 -27.97
N GLU A 45 -17.16 35.50 -29.28
CA GLU A 45 -16.12 35.92 -30.19
C GLU A 45 -15.65 37.35 -29.85
N LYS A 46 -16.59 38.26 -29.61
CA LYS A 46 -16.25 39.64 -29.20
C LYS A 46 -15.43 39.67 -27.90
N GLU A 47 -15.69 38.73 -27.01
CA GLU A 47 -15.00 38.67 -25.73
C GLU A 47 -13.67 37.89 -25.84
N GLY A 48 -13.30 37.47 -27.06
CA GLY A 48 -12.05 36.74 -27.29
C GLY A 48 -12.02 35.25 -26.94
N LYS A 49 -13.15 34.71 -26.47
CA LYS A 49 -13.22 33.30 -26.06
C LYS A 49 -13.15 32.29 -27.22
N ILE A 50 -13.78 32.62 -28.35
CA ILE A 50 -13.71 31.79 -29.56
C ILE A 50 -13.39 32.65 -30.78
N SER A 51 -13.01 32.02 -31.90
CA SER A 51 -12.80 32.71 -33.16
C SER A 51 -13.39 31.92 -34.32
N LYS A 52 -13.94 32.66 -35.29
CA LYS A 52 -14.35 32.11 -36.57
C LYS A 52 -13.20 31.44 -37.31
N ILE A 53 -13.50 30.32 -37.96
CA ILE A 53 -12.51 29.62 -38.80
C ILE A 53 -13.23 29.23 -40.09
N GLY A 54 -12.51 28.65 -41.04
CA GLY A 54 -13.14 28.25 -42.30
C GLY A 54 -13.37 26.76 -42.47
N PRO A 55 -13.77 26.37 -43.71
CA PRO A 55 -13.85 24.96 -44.12
C PRO A 55 -12.47 24.30 -44.24
N GLU A 56 -11.40 25.06 -44.06
CA GLU A 56 -10.05 24.51 -44.11
C GLU A 56 -9.80 23.52 -42.95
N ASN A 57 -10.30 23.86 -41.76
CA ASN A 57 -10.22 22.97 -40.59
C ASN A 57 -11.22 21.81 -40.76
N PRO A 58 -10.73 20.56 -40.75
CA PRO A 58 -11.59 19.39 -40.98
C PRO A 58 -12.22 18.79 -39.70
N TYR A 59 -11.97 19.40 -38.55
CA TYR A 59 -12.46 18.84 -37.27
C TYR A 59 -13.84 19.34 -36.93
N ASN A 60 -14.57 18.54 -36.16
CA ASN A 60 -15.88 18.95 -35.68
C ASN A 60 -16.37 18.18 -34.45
N THR A 61 -16.96 18.93 -33.54
CA THR A 61 -17.67 18.42 -32.37
C THR A 61 -19.11 18.99 -32.42
N PRO A 62 -20.12 18.18 -32.08
CA PRO A 62 -21.50 18.70 -32.14
C PRO A 62 -21.77 19.83 -31.14
N VAL A 63 -22.68 20.72 -31.53
CA VAL A 63 -23.13 21.80 -30.66
C VAL A 63 -24.65 21.72 -30.49
N PHE A 64 -25.10 22.20 -29.34
CA PHE A 64 -26.52 22.17 -29.02
C PHE A 64 -26.83 23.44 -28.23
N ALA A 65 -28.11 23.81 -28.17
CA ALA A 65 -28.58 24.92 -27.34
C ALA A 65 -29.76 24.43 -26.52
N ILE A 66 -29.77 24.79 -25.25
CA ILE A 66 -30.82 24.38 -24.33
C ILE A 66 -31.32 25.62 -23.57
N LYS A 67 -32.64 25.77 -23.52
CA LYS A 67 -33.31 26.77 -22.69
C LYS A 67 -34.37 26.07 -21.86
N LYS A 68 -34.24 26.12 -20.53
CA LYS A 68 -35.22 25.49 -19.63
C LYS A 68 -36.65 26.03 -19.87
N LYS A 69 -37.66 25.24 -19.51
CA LYS A 69 -39.07 25.51 -19.84
C LYS A 69 -39.66 26.79 -19.23
N ASP A 70 -39.30 27.09 -17.99
CA ASP A 70 -39.77 28.32 -17.31
C ASP A 70 -38.60 29.28 -17.17
N SER A 71 -38.06 29.71 -18.32
CA SER A 71 -36.81 30.46 -18.39
C SER A 71 -36.61 31.09 -19.79
N THR A 72 -35.90 32.22 -19.84
CA THR A 72 -35.62 32.93 -21.10
C THR A 72 -34.14 32.89 -21.53
N LYS A 73 -33.26 32.39 -20.66
CA LYS A 73 -31.80 32.37 -20.93
C LYS A 73 -31.36 31.09 -21.66
N TRP A 74 -30.86 31.24 -22.89
CA TRP A 74 -30.25 30.14 -23.64
C TRP A 74 -28.85 29.86 -23.23
N ARG A 75 -28.46 28.59 -23.32
CA ARG A 75 -27.08 28.17 -23.11
C ARG A 75 -26.60 27.29 -24.25
N LYS A 76 -25.33 27.44 -24.59
CA LYS A 76 -24.69 26.60 -25.57
C LYS A 76 -24.11 25.36 -24.87
N LEU A 77 -24.30 24.20 -25.49
CA LEU A 77 -23.69 22.97 -25.00
C LEU A 77 -22.83 22.36 -26.07
N VAL A 78 -21.55 22.17 -25.79
CA VAL A 78 -20.69 21.42 -26.68
C VAL A 78 -20.42 20.05 -26.09
N ASP A 79 -20.60 19.03 -26.93
CA ASP A 79 -20.44 17.64 -26.55
C ASP A 79 -19.01 17.20 -26.86
N PHE A 80 -18.08 17.40 -25.93
CA PHE A 80 -16.66 17.06 -26.19
C PHE A 80 -16.28 15.59 -25.95
N ARG A 81 -17.26 14.69 -25.93
CA ARG A 81 -16.97 13.29 -25.64
C ARG A 81 -15.89 12.76 -26.57
N GLU A 82 -15.95 13.11 -27.86
CA GLU A 82 -15.07 12.50 -28.84
C GLU A 82 -13.65 13.09 -28.70
N LEU A 83 -13.53 14.41 -28.64
CA LEU A 83 -12.23 15.04 -28.40
C LEU A 83 -11.59 14.51 -27.08
N ASN A 84 -12.42 14.29 -26.06
CA ASN A 84 -11.93 13.82 -24.75
C ASN A 84 -11.31 12.46 -24.86
N LYS A 85 -11.98 11.55 -25.57
CA LYS A 85 -11.47 10.22 -25.89
C LYS A 85 -10.11 10.24 -26.62
N ARG A 86 -9.84 11.31 -27.37
CA ARG A 86 -8.64 11.42 -28.18
C ARG A 86 -7.56 12.33 -27.54
N THR A 87 -7.90 13.04 -26.48
CA THR A 87 -6.95 13.93 -25.82
C THR A 87 -6.04 13.10 -24.88
N GLN A 88 -4.76 13.46 -24.82
CA GLN A 88 -3.83 12.86 -23.84
C GLN A 88 -4.38 12.82 -22.42
N ASP A 89 -3.85 11.89 -21.64
CA ASP A 89 -4.04 11.89 -20.20
C ASP A 89 -3.26 13.06 -19.58
N PHE A 90 -3.80 13.61 -18.50
CA PHE A 90 -3.13 14.64 -17.73
C PHE A 90 -2.83 14.15 -16.33
N TRP A 91 -1.96 14.89 -15.66
CA TRP A 91 -1.73 14.66 -14.25
C TRP A 91 -3.00 14.88 -13.48
N GLU A 92 -3.29 13.98 -12.55
CA GLU A 92 -4.51 14.11 -11.75
C GLU A 92 -4.52 15.42 -10.94
N VAL A 93 -5.71 16.01 -10.80
CA VAL A 93 -5.87 17.36 -10.27
C VAL A 93 -5.58 17.42 -8.74
N GLN A 94 -6.17 16.50 -7.97
CA GLN A 94 -5.94 16.45 -6.52
C GLN A 94 -5.89 15.01 -6.02
N LEU A 95 -4.85 14.70 -5.25
CA LEU A 95 -4.70 13.38 -4.62
C LEU A 95 -5.66 13.17 -3.44
N GLY A 96 -6.35 14.22 -2.98
CA GLY A 96 -7.27 14.15 -1.82
C GLY A 96 -7.81 15.54 -1.54
N ILE A 97 -8.77 15.70 -0.63
CA ILE A 97 -9.26 17.04 -0.27
C ILE A 97 -8.91 17.41 1.18
N PRO A 98 -8.74 18.70 1.44
CA PRO A 98 -8.39 19.09 2.80
C PRO A 98 -9.43 18.60 3.83
N HIS A 99 -8.97 17.98 4.92
CA HIS A 99 -9.84 17.75 6.07
C HIS A 99 -9.81 18.97 6.97
N PRO A 100 -10.99 19.46 7.42
CA PRO A 100 -10.97 20.63 8.30
C PRO A 100 -10.14 20.47 9.61
N ALA A 101 -10.06 19.25 10.15
CA ALA A 101 -9.29 18.99 11.36
C ALA A 101 -7.79 19.24 11.15
N GLY A 102 -7.35 19.29 9.89
CA GLY A 102 -5.98 19.56 9.54
C GLY A 102 -5.64 21.02 9.38
N LEU A 103 -6.68 21.86 9.38
CA LEU A 103 -6.50 23.30 9.25
C LEU A 103 -5.99 23.90 10.57
N LYS A 104 -5.07 24.83 10.44
CA LYS A 104 -4.56 25.56 11.57
C LYS A 104 -5.37 26.86 11.68
N LYS A 105 -5.86 27.16 12.89
CA LYS A 105 -6.71 28.34 13.11
C LYS A 105 -6.01 29.63 12.73
N LYS A 106 -6.71 30.48 12.00
CA LYS A 106 -6.17 31.77 11.56
C LYS A 106 -7.02 32.93 12.09
N LYS A 107 -6.39 34.07 12.33
CA LYS A 107 -7.12 35.26 12.79
C LYS A 107 -8.18 35.68 11.78
N SER A 108 -7.80 35.77 10.52
CA SER A 108 -8.72 36.14 9.46
C SER A 108 -8.61 35.16 8.29
N VAL A 109 -9.76 34.73 7.78
CA VAL A 109 -9.81 33.92 6.58
C VAL A 109 -10.70 34.57 5.51
N THR A 110 -10.26 34.54 4.26
CA THR A 110 -11.01 35.10 3.14
C THR A 110 -11.10 34.05 2.04
N VAL A 111 -12.30 33.90 1.48
CA VAL A 111 -12.54 33.04 0.33
C VAL A 111 -12.61 33.93 -0.92
N LEU A 112 -11.85 33.53 -1.95
CA LEU A 112 -11.86 34.21 -3.26
C LEU A 112 -12.14 33.16 -4.33
N ASP A 113 -13.32 33.25 -4.94
CA ASP A 113 -13.68 32.37 -6.06
C ASP A 113 -13.36 33.07 -7.37
N VAL A 114 -12.71 32.37 -8.28
CA VAL A 114 -12.31 32.97 -9.53
C VAL A 114 -13.53 32.92 -10.47
N GLY A 115 -13.87 34.06 -11.04
CA GLY A 115 -15.02 34.15 -11.95
C GLY A 115 -14.67 33.61 -13.32
N ASP A 116 -15.56 32.77 -13.86
CA ASP A 116 -15.39 32.23 -15.21
C ASP A 116 -13.98 31.72 -15.41
N ALA A 117 -13.60 30.79 -14.54
CA ALA A 117 -12.20 30.39 -14.38
C ALA A 117 -11.65 29.84 -15.68
N TYR A 118 -12.28 28.80 -16.22
CA TYR A 118 -11.73 28.17 -17.44
C TYR A 118 -11.60 29.16 -18.59
N PHE A 119 -12.59 30.04 -18.71
CA PHE A 119 -12.67 30.96 -19.83
C PHE A 119 -11.66 32.10 -19.69
N SER A 120 -10.97 32.19 -18.56
CA SER A 120 -9.91 33.17 -18.38
C SER A 120 -8.51 32.57 -18.61
N VAL A 121 -8.42 31.32 -19.08
CA VAL A 121 -7.09 30.73 -19.34
C VAL A 121 -6.97 30.37 -20.82
N PRO A 122 -5.87 30.78 -21.47
CA PRO A 122 -5.72 30.52 -22.89
C PRO A 122 -5.43 29.06 -23.17
N LEU A 123 -5.93 28.58 -24.32
CA LEU A 123 -5.68 27.21 -24.78
C LEU A 123 -4.51 27.22 -25.73
N ASP A 124 -3.64 26.22 -25.61
CA ASP A 124 -2.51 26.01 -26.53
C ASP A 124 -2.90 26.25 -28.02
N GLU A 125 -2.15 27.12 -28.70
CA GLU A 125 -2.53 27.56 -30.05
C GLU A 125 -2.61 26.37 -31.01
N ASP A 126 -1.66 25.46 -30.90
CA ASP A 126 -1.58 24.26 -31.76
C ASP A 126 -2.73 23.25 -31.52
N PHE A 127 -3.39 23.32 -30.36
CA PHE A 127 -4.52 22.42 -30.07
C PHE A 127 -5.90 23.00 -30.42
N ARG A 128 -5.99 24.31 -30.66
CA ARG A 128 -7.32 24.94 -30.78
C ARG A 128 -8.14 24.36 -31.93
N LYS A 129 -7.46 23.90 -32.95
CA LYS A 129 -8.14 23.42 -34.16
C LYS A 129 -9.04 22.23 -33.88
N TYR A 130 -8.70 21.44 -32.86
CA TYR A 130 -9.45 20.24 -32.54
C TYR A 130 -10.74 20.54 -31.80
N THR A 131 -10.92 21.79 -31.38
CA THR A 131 -12.11 22.24 -30.66
C THR A 131 -13.16 22.82 -31.60
N ALA A 132 -12.96 22.65 -32.90
CA ALA A 132 -13.88 23.20 -33.90
C ALA A 132 -15.31 22.71 -33.74
N PHE A 133 -16.27 23.63 -33.87
CA PHE A 133 -17.67 23.30 -33.98
C PHE A 133 -18.36 24.18 -35.01
N THR A 134 -19.59 23.81 -35.35
CA THR A 134 -20.31 24.40 -36.47
C THR A 134 -21.73 24.65 -36.06
N ILE A 135 -22.16 25.92 -36.18
CA ILE A 135 -23.57 26.26 -36.09
C ILE A 135 -24.17 26.00 -37.48
N PRO A 136 -25.10 25.04 -37.58
CA PRO A 136 -25.59 24.72 -38.90
C PRO A 136 -26.53 25.79 -39.44
N SER A 137 -26.65 25.86 -40.77
CA SER A 137 -27.61 26.73 -41.39
C SER A 137 -29.02 26.13 -41.26
N ILE A 138 -30.03 26.95 -41.48
CA ILE A 138 -31.42 26.50 -41.40
C ILE A 138 -31.65 25.38 -42.41
N ASN A 139 -32.13 24.23 -41.91
CA ASN A 139 -32.38 23.05 -42.75
C ASN A 139 -31.11 22.69 -43.53
N ASN A 140 -29.99 22.67 -42.84
CA ASN A 140 -28.63 22.51 -43.43
C ASN A 140 -28.44 22.79 -44.91
N GLU A 141 -29.10 23.82 -45.44
CA GLU A 141 -29.03 24.12 -46.89
C GLU A 141 -27.63 24.62 -47.31
N THR A 142 -27.06 25.54 -46.53
CA THR A 142 -25.78 26.19 -46.87
C THR A 142 -24.71 25.85 -45.82
N PRO A 143 -23.46 26.26 -46.05
CA PRO A 143 -22.42 26.03 -45.04
C PRO A 143 -22.73 26.70 -43.70
N GLY A 144 -22.38 26.03 -42.60
CA GLY A 144 -22.60 26.56 -41.27
C GLY A 144 -21.53 27.57 -40.90
N ILE A 145 -21.61 28.14 -39.71
CA ILE A 145 -20.62 29.10 -39.23
C ILE A 145 -19.77 28.31 -38.25
N ARG A 146 -18.46 28.28 -38.48
CA ARG A 146 -17.55 27.44 -37.69
C ARG A 146 -16.69 28.30 -36.78
N TYR A 147 -16.42 27.77 -35.61
CA TYR A 147 -15.67 28.47 -34.58
C TYR A 147 -14.72 27.47 -33.94
N GLN A 148 -13.68 27.97 -33.30
CA GLN A 148 -12.84 27.16 -32.42
C GLN A 148 -12.62 27.92 -31.13
N TYR A 149 -12.28 27.21 -30.07
CA TYR A 149 -11.97 27.82 -28.76
C TYR A 149 -10.55 28.42 -28.68
N ASN A 150 -10.43 29.57 -28.01
CA ASN A 150 -9.13 30.19 -27.69
C ASN A 150 -8.77 30.02 -26.24
N VAL A 151 -9.72 29.52 -25.45
CA VAL A 151 -9.59 29.35 -24.03
C VAL A 151 -10.02 27.92 -23.66
N LEU A 152 -9.82 27.54 -22.40
CA LEU A 152 -10.19 26.20 -21.89
C LEU A 152 -11.67 25.97 -21.97
N PRO A 153 -12.12 24.97 -22.75
CA PRO A 153 -13.57 24.78 -22.82
C PRO A 153 -14.18 24.07 -21.62
N GLN A 154 -15.47 24.31 -21.37
CA GLN A 154 -16.18 23.61 -20.35
C GLN A 154 -16.33 22.18 -20.83
N GLY A 155 -16.08 21.22 -19.95
CA GLY A 155 -16.29 19.80 -20.28
C GLY A 155 -15.15 19.17 -21.06
N TRP A 156 -14.10 19.90 -21.38
CA TRP A 156 -12.91 19.30 -21.99
C TRP A 156 -11.99 18.73 -20.94
N LYS A 157 -11.47 17.54 -21.24
CA LYS A 157 -10.66 16.72 -20.33
C LYS A 157 -9.53 17.48 -19.65
N GLY A 158 -8.87 18.36 -20.39
CA GLY A 158 -7.69 19.08 -19.85
C GLY A 158 -7.93 20.32 -19.02
N SER A 159 -9.16 20.81 -19.00
CA SER A 159 -9.43 22.11 -18.39
C SER A 159 -9.14 22.18 -16.90
N PRO A 160 -9.61 21.20 -16.13
CA PRO A 160 -9.33 21.31 -14.71
C PRO A 160 -7.82 21.35 -14.40
N ALA A 161 -7.03 20.44 -14.98
CA ALA A 161 -5.59 20.38 -14.67
C ALA A 161 -4.85 21.64 -15.15
N ILE A 162 -5.17 22.08 -16.36
CA ILE A 162 -4.47 23.26 -16.92
C ILE A 162 -4.85 24.51 -16.11
N PHE A 163 -6.11 24.62 -15.71
CA PHE A 163 -6.46 25.71 -14.84
C PHE A 163 -5.65 25.68 -13.54
N GLN A 164 -5.55 24.50 -12.90
CA GLN A 164 -4.84 24.41 -11.63
C GLN A 164 -3.39 24.80 -11.76
N SER A 165 -2.70 24.29 -12.79
CA SER A 165 -1.29 24.60 -12.94
C SER A 165 -1.11 26.09 -13.27
N SER A 166 -2.05 26.67 -14.01
CA SER A 166 -1.96 28.10 -14.33
C SER A 166 -2.05 28.90 -13.03
N MET A 167 -3.05 28.59 -12.20
CA MET A 167 -3.19 29.26 -10.90
C MET A 167 -1.95 29.06 -10.02
N THR A 168 -1.40 27.86 -10.01
CA THR A 168 -0.18 27.60 -9.22
C THR A 168 0.96 28.51 -9.66
N LYS A 169 1.17 28.64 -10.98
CA LYS A 169 2.25 29.49 -11.49
C LYS A 169 2.02 30.96 -11.10
N ILE A 170 0.81 31.44 -11.34
CA ILE A 170 0.42 32.80 -11.00
C ILE A 170 0.62 33.12 -9.52
N LEU A 171 0.32 32.17 -8.64
CA LEU A 171 0.51 32.40 -7.21
C LEU A 171 1.96 32.36 -6.73
N GLU A 172 2.83 31.66 -7.46
CA GLU A 172 4.19 31.40 -6.98
C GLU A 172 4.94 32.65 -6.46
N PRO A 173 4.96 33.75 -7.24
CA PRO A 173 5.67 34.93 -6.69
C PRO A 173 4.97 35.54 -5.47
N PHE A 174 3.64 35.53 -5.42
CA PHE A 174 2.93 36.02 -4.23
C PHE A 174 3.30 35.21 -2.98
N ARG A 175 3.34 33.89 -3.12
CA ARG A 175 3.68 33.01 -2.00
C ARG A 175 5.09 33.31 -1.55
N LYS A 176 6.01 33.32 -2.51
CA LYS A 176 7.44 33.59 -2.23
C LYS A 176 7.64 34.88 -1.41
N GLN A 177 6.78 35.87 -1.63
CA GLN A 177 6.91 37.15 -0.94
C GLN A 177 6.05 37.27 0.32
N ASN A 178 5.09 36.37 0.49
CA ASN A 178 4.19 36.40 1.64
C ASN A 178 4.14 35.01 2.26
N PRO A 179 5.29 34.49 2.72
CA PRO A 179 5.36 33.12 3.26
C PRO A 179 4.44 32.80 4.46
N ASP A 180 4.07 33.83 5.21
N ASP A 180 4.05 33.80 5.22
CA ASP A 180 3.16 33.70 6.35
CA ASP A 180 3.15 33.58 6.36
C ASP A 180 1.73 33.39 5.93
C ASP A 180 1.68 33.44 5.96
N ILE A 181 1.32 33.84 4.74
CA ILE A 181 -0.06 33.73 4.29
C ILE A 181 -0.34 32.31 3.75
N VAL A 182 -1.38 31.68 4.28
CA VAL A 182 -1.78 30.37 3.81
C VAL A 182 -2.81 30.54 2.70
N ILE A 183 -2.59 29.84 1.59
CA ILE A 183 -3.52 29.87 0.47
C ILE A 183 -3.79 28.44 0.02
N TYR A 184 -5.00 27.97 0.30
CA TYR A 184 -5.43 26.68 -0.20
C TYR A 184 -6.01 26.88 -1.59
N GLN A 185 -5.65 25.99 -2.50
CA GLN A 185 -6.21 25.97 -3.81
C GLN A 185 -7.17 24.81 -3.90
N TYR A 186 -8.38 25.07 -4.37
CA TYR A 186 -9.37 24.03 -4.53
C TYR A 186 -10.32 24.43 -5.64
N MET A 187 -10.29 23.67 -6.74
CA MET A 187 -11.11 23.94 -7.91
C MET A 187 -10.91 25.42 -8.33
N ASP A 188 -11.97 26.20 -8.50
CA ASP A 188 -11.85 27.62 -8.88
C ASP A 188 -11.58 28.54 -7.68
N ASP A 189 -11.44 27.98 -6.45
CA ASP A 189 -11.32 28.80 -5.23
C ASP A 189 -9.91 28.95 -4.68
N LEU A 190 -9.73 30.04 -3.92
CA LEU A 190 -8.60 30.23 -3.03
C LEU A 190 -9.16 30.54 -1.65
N TYR A 191 -8.59 29.88 -0.65
CA TYR A 191 -8.92 30.14 0.72
C TYR A 191 -7.65 30.70 1.33
N VAL A 192 -7.75 31.88 1.89
CA VAL A 192 -6.56 32.67 2.21
C VAL A 192 -6.58 33.06 3.67
N GLY A 193 -5.68 32.51 4.46
CA GLY A 193 -5.62 32.81 5.91
C GLY A 193 -4.35 33.53 6.34
N SER A 194 -4.47 34.47 7.28
CA SER A 194 -3.31 35.10 7.89
C SER A 194 -3.56 35.32 9.39
N ASP A 195 -2.49 35.56 10.14
CA ASP A 195 -2.60 36.02 11.52
C ASP A 195 -2.34 37.54 11.65
N LEU A 196 -2.42 38.24 10.52
CA LEU A 196 -2.28 39.69 10.49
C LEU A 196 -3.47 40.32 11.18
N GLU A 197 -3.29 41.55 11.66
CA GLU A 197 -4.40 42.32 12.18
C GLU A 197 -5.36 42.62 11.02
N ILE A 198 -6.64 42.78 11.33
CA ILE A 198 -7.71 42.78 10.32
C ILE A 198 -7.47 43.83 9.23
N GLY A 199 -6.87 44.96 9.62
CA GLY A 199 -6.52 45.99 8.66
C GLY A 199 -5.49 45.53 7.65
N GLN A 200 -4.37 45.00 8.14
CA GLN A 200 -3.31 44.49 7.27
C GLN A 200 -3.72 43.25 6.47
N HIS A 201 -4.69 42.49 6.97
CA HIS A 201 -5.18 41.31 6.24
C HIS A 201 -5.96 41.73 5.04
N ARG A 202 -6.88 42.67 5.24
CA ARG A 202 -7.69 43.21 4.14
C ARG A 202 -6.82 43.90 3.08
N THR A 203 -5.72 44.51 3.53
CA THR A 203 -4.74 45.09 2.62
C THR A 203 -4.05 43.99 1.78
N LYS A 204 -3.61 42.91 2.42
CA LYS A 204 -2.97 41.81 1.69
C LYS A 204 -3.91 41.09 0.75
N ILE A 205 -5.19 41.01 1.11
CA ILE A 205 -6.18 40.43 0.22
C ILE A 205 -6.31 41.31 -1.02
N GLU A 206 -6.40 42.62 -0.84
CA GLU A 206 -6.41 43.53 -2.00
C GLU A 206 -5.16 43.39 -2.88
N GLU A 207 -3.99 43.33 -2.27
N GLU A 207 -3.99 43.34 -2.25
CA GLU A 207 -2.77 43.06 -3.02
CA GLU A 207 -2.72 43.01 -2.92
C GLU A 207 -2.85 41.73 -3.79
C GLU A 207 -2.85 41.74 -3.76
N LEU A 208 -3.37 40.68 -3.16
CA LEU A 208 -3.53 39.42 -3.86
C LEU A 208 -4.51 39.55 -5.04
N ARG A 209 -5.67 40.17 -4.81
CA ARG A 209 -6.67 40.39 -5.86
C ARG A 209 -6.08 41.17 -7.03
N GLN A 210 -5.28 42.19 -6.72
CA GLN A 210 -4.66 42.96 -7.79
C GLN A 210 -3.61 42.14 -8.52
N HIS A 211 -2.88 41.29 -7.79
CA HIS A 211 -1.90 40.43 -8.41
C HIS A 211 -2.58 39.48 -9.34
N LEU A 212 -3.60 38.80 -8.85
CA LEU A 212 -4.43 37.94 -9.68
C LEU A 212 -5.02 38.66 -10.90
N LEU A 213 -5.41 39.92 -10.74
CA LEU A 213 -5.96 40.69 -11.85
C LEU A 213 -4.91 40.97 -12.93
N ARG A 214 -3.68 41.29 -12.52
CA ARG A 214 -2.57 41.46 -13.48
C ARG A 214 -2.34 40.23 -14.35
N TRP A 215 -2.77 39.07 -13.86
CA TRP A 215 -2.70 37.81 -14.59
C TRP A 215 -4.01 37.36 -15.17
N GLY A 216 -4.96 38.29 -15.29
CA GLY A 216 -6.21 38.02 -15.96
C GLY A 216 -7.27 37.23 -15.21
N LEU A 217 -7.14 37.12 -13.89
CA LEU A 217 -8.09 36.40 -13.05
C LEU A 217 -8.89 37.35 -12.15
N THR A 218 -10.21 37.36 -12.33
CA THR A 218 -11.09 38.20 -11.53
C THR A 218 -11.59 37.46 -10.27
N THR A 219 -11.80 38.23 -9.21
CA THR A 219 -12.21 37.74 -7.89
C THR A 219 -13.20 38.74 -7.25
N PRO A 220 -13.98 38.29 -6.26
CA PRO A 220 -14.91 39.21 -5.60
C PRO A 220 -14.19 40.24 -4.74
N ASP A 221 -14.72 41.46 -4.71
CA ASP A 221 -14.16 42.53 -3.87
C ASP A 221 -14.67 42.37 -2.44
N LYS A 222 -14.19 43.21 -1.52
CA LYS A 222 -14.53 43.10 -0.09
C LYS A 222 -16.04 42.90 0.10
N LYS A 223 -16.82 43.74 -0.57
CA LYS A 223 -18.28 43.73 -0.41
C LYS A 223 -18.90 42.40 -0.71
N HIS A 224 -18.48 41.79 -1.82
CA HIS A 224 -19.04 40.51 -2.26
C HIS A 224 -18.45 39.29 -1.58
N GLN A 225 -17.33 39.44 -0.86
CA GLN A 225 -16.67 38.30 -0.20
C GLN A 225 -17.53 37.70 0.92
N LYS A 226 -17.59 36.37 0.98
CA LYS A 226 -18.43 35.69 1.94
C LYS A 226 -17.87 35.83 3.34
N GLU A 227 -18.74 35.69 4.34
CA GLU A 227 -18.37 35.73 5.76
C GLU A 227 -18.67 34.40 6.41
N PRO A 228 -17.99 34.10 7.53
CA PRO A 228 -18.15 32.83 8.20
C PRO A 228 -19.49 32.72 8.93
N PRO A 229 -19.93 31.49 9.24
CA PRO A 229 -19.18 30.27 8.96
C PRO A 229 -19.24 29.90 7.46
N PHE A 230 -18.17 29.29 6.96
CA PHE A 230 -18.11 28.93 5.55
C PHE A 230 -18.74 27.54 5.40
N LEU A 231 -19.70 27.44 4.49
CA LEU A 231 -20.31 26.17 4.16
C LEU A 231 -19.49 25.58 3.00
N TRP A 232 -18.78 24.51 3.27
CA TRP A 232 -17.79 23.98 2.33
C TRP A 232 -17.79 22.49 2.33
N MET A 233 -18.18 21.89 1.20
CA MET A 233 -18.09 20.44 1.01
C MET A 233 -18.67 19.62 2.16
N GLY A 234 -19.85 20.03 2.65
CA GLY A 234 -20.57 19.29 3.68
C GLY A 234 -20.06 19.59 5.08
N TYR A 235 -19.21 20.61 5.21
CA TYR A 235 -18.68 21.06 6.48
C TYR A 235 -19.14 22.50 6.76
N GLU A 236 -19.09 22.88 8.03
CA GLU A 236 -19.18 24.29 8.44
C GLU A 236 -17.85 24.66 9.04
N LEU A 237 -17.22 25.70 8.50
CA LEU A 237 -15.96 26.18 9.05
C LEU A 237 -16.21 27.51 9.79
N HIS A 238 -16.12 27.49 11.11
CA HIS A 238 -16.25 28.70 11.95
C HIS A 238 -14.86 29.19 12.34
N PRO A 239 -14.76 30.40 12.92
CA PRO A 239 -13.47 30.95 13.37
C PRO A 239 -12.64 30.10 14.33
N ASP A 240 -13.25 29.35 15.23
CA ASP A 240 -12.45 28.50 16.14
C ASP A 240 -12.93 27.06 16.25
N LYS A 241 -13.85 26.66 15.38
CA LYS A 241 -14.34 25.30 15.36
C LYS A 241 -14.82 24.90 13.96
N TRP A 242 -15.03 23.60 13.77
CA TRP A 242 -15.68 23.14 12.55
C TRP A 242 -16.62 22.02 12.88
N THR A 243 -17.56 21.78 11.98
CA THR A 243 -18.40 20.60 12.11
C THR A 243 -18.94 20.21 10.75
N VAL A 244 -19.77 19.19 10.73
CA VAL A 244 -20.51 18.81 9.54
C VAL A 244 -21.79 19.62 9.48
N GLN A 245 -22.29 19.85 8.27
CA GLN A 245 -23.49 20.62 8.10
C GLN A 245 -24.66 19.81 8.69
N PRO A 246 -25.82 20.47 8.96
CA PRO A 246 -26.87 19.79 9.72
C PRO A 246 -27.26 18.45 9.12
N ILE A 247 -27.34 17.41 9.93
CA ILE A 247 -27.79 16.12 9.42
C ILE A 247 -29.27 15.87 9.73
N VAL A 248 -30.09 15.79 8.68
CA VAL A 248 -31.51 15.46 8.82
C VAL A 248 -31.76 13.95 8.68
N LEU A 249 -32.03 13.27 9.80
CA LEU A 249 -32.45 11.86 9.84
C LEU A 249 -33.97 11.69 9.80
N PRO A 250 -34.54 11.38 8.63
CA PRO A 250 -35.99 11.30 8.48
C PRO A 250 -36.68 10.35 9.44
N GLU A 251 -37.92 10.69 9.82
CA GLU A 251 -38.83 9.73 10.43
C GLU A 251 -39.74 9.18 9.32
N LYS A 252 -39.80 7.86 9.20
CA LYS A 252 -40.57 7.20 8.15
C LYS A 252 -41.27 5.95 8.66
N ASP A 253 -42.51 5.74 8.21
CA ASP A 253 -43.22 4.48 8.46
C ASP A 253 -42.50 3.33 7.77
N SER A 254 -42.17 3.53 6.49
CA SER A 254 -41.60 2.49 5.64
C SER A 254 -40.27 2.94 5.04
N TRP A 255 -39.19 2.21 5.34
CA TRP A 255 -37.87 2.53 4.80
C TRP A 255 -37.60 1.81 3.52
N THR A 256 -37.32 2.56 2.47
CA THR A 256 -36.88 2.00 1.21
C THR A 256 -35.39 1.72 1.28
N VAL A 257 -34.89 0.86 0.41
CA VAL A 257 -33.43 0.65 0.31
C VAL A 257 -32.73 2.00 -0.01
N ASN A 258 -33.30 2.76 -0.95
CA ASN A 258 -32.85 4.15 -1.20
C ASN A 258 -32.76 4.97 0.09
N ASP A 259 -33.82 4.92 0.91
CA ASP A 259 -33.83 5.69 2.17
C ASP A 259 -32.70 5.23 3.09
N ILE A 260 -32.52 3.91 3.18
CA ILE A 260 -31.52 3.31 4.07
C ILE A 260 -30.08 3.61 3.60
N GLN A 261 -29.84 3.52 2.30
CA GLN A 261 -28.55 3.89 1.74
C GLN A 261 -28.24 5.35 2.04
N LYS A 262 -29.20 6.24 1.83
CA LYS A 262 -28.98 7.67 2.11
C LYS A 262 -28.71 7.93 3.62
N LEU A 263 -29.43 7.21 4.49
CA LEU A 263 -29.23 7.32 5.95
C LEU A 263 -27.82 6.91 6.37
N VAL A 264 -27.39 5.74 5.91
CA VAL A 264 -26.06 5.22 6.24
C VAL A 264 -24.96 6.19 5.76
N GLY A 265 -25.13 6.71 4.56
CA GLY A 265 -24.21 7.75 4.06
C GLY A 265 -24.13 8.98 4.97
N LYS A 266 -25.28 9.50 5.38
CA LYS A 266 -25.31 10.62 6.32
C LYS A 266 -24.70 10.25 7.68
N LEU A 267 -25.04 9.08 8.20
CA LEU A 267 -24.42 8.62 9.47
C LEU A 267 -22.89 8.48 9.33
N ASN A 268 -22.42 7.90 8.21
CA ASN A 268 -20.98 7.82 7.94
C ASN A 268 -20.33 9.21 7.90
N TRP A 269 -20.99 10.17 7.26
CA TRP A 269 -20.48 11.53 7.22
C TRP A 269 -20.43 12.11 8.62
N ALA A 270 -21.47 11.86 9.42
CA ALA A 270 -21.54 12.38 10.81
C ALA A 270 -20.43 11.83 11.69
N SER A 271 -19.97 10.61 11.41
CA SER A 271 -19.04 9.91 12.30
C SER A 271 -17.67 10.57 12.42
N GLN A 272 -17.36 11.53 11.56
CA GLN A 272 -16.06 12.16 11.62
C GLN A 272 -15.97 13.22 12.72
N ILE A 273 -17.08 13.56 13.36
CA ILE A 273 -17.05 14.41 14.54
C ILE A 273 -18.03 13.97 15.67
N TYR A 274 -19.12 13.27 15.35
CA TYR A 274 -20.02 12.79 16.40
C TYR A 274 -19.50 11.44 16.89
N PRO A 275 -19.06 11.37 18.15
CA PRO A 275 -18.45 10.12 18.62
C PRO A 275 -19.46 8.99 18.75
N GLY A 276 -19.01 7.78 18.44
CA GLY A 276 -19.79 6.57 18.71
C GLY A 276 -20.97 6.29 17.76
N ILE A 277 -21.02 6.98 16.61
CA ILE A 277 -22.03 6.67 15.58
C ILE A 277 -21.85 5.21 15.17
N LYS A 278 -22.94 4.45 15.07
CA LYS A 278 -22.90 3.08 14.54
C LYS A 278 -23.77 2.91 13.29
N VAL A 279 -23.32 2.07 12.37
CA VAL A 279 -24.08 1.77 11.16
C VAL A 279 -24.18 0.27 10.84
N ARG A 280 -23.67 -0.58 11.73
CA ARG A 280 -23.59 -2.01 11.45
C ARG A 280 -24.93 -2.67 11.15
N GLN A 281 -25.93 -2.44 12.00
CA GLN A 281 -27.24 -3.08 11.82
C GLN A 281 -27.97 -2.52 10.60
N LEU A 282 -27.87 -1.21 10.41
CA LEU A 282 -28.41 -0.58 9.22
C LEU A 282 -27.74 -1.14 7.97
N CYS A 283 -26.41 -1.32 7.99
CA CYS A 283 -25.71 -1.90 6.83
C CYS A 283 -26.13 -3.33 6.55
N LYS A 284 -26.34 -4.14 7.60
CA LYS A 284 -26.84 -5.51 7.43
C LYS A 284 -28.12 -5.57 6.59
N LEU A 285 -29.01 -4.58 6.75
CA LEU A 285 -30.27 -4.55 5.98
C LEU A 285 -30.03 -4.41 4.47
N LEU A 286 -28.92 -3.79 4.08
CA LEU A 286 -28.60 -3.58 2.66
C LEU A 286 -27.90 -4.78 1.99
N ARG A 287 -27.57 -5.82 2.78
CA ARG A 287 -26.88 -7.01 2.27
C ARG A 287 -27.78 -7.93 1.45
N GLY A 288 -28.98 -7.48 1.10
CA GLY A 288 -29.89 -8.24 0.26
C GLY A 288 -29.65 -7.94 -1.21
N THR A 289 -30.68 -8.19 -2.01
CA THR A 289 -30.60 -8.00 -3.45
C THR A 289 -31.81 -7.25 -4.03
N LYS A 290 -32.74 -6.81 -3.18
CA LYS A 290 -33.79 -5.89 -3.61
C LYS A 290 -33.09 -4.55 -3.76
N ALA A 291 -33.69 -3.64 -4.52
CA ALA A 291 -33.04 -2.36 -4.78
C ALA A 291 -34.06 -1.24 -4.93
N LEU A 292 -33.57 0.00 -4.79
CA LEU A 292 -34.32 1.23 -5.09
C LEU A 292 -35.50 1.51 -4.13
N THR A 293 -36.73 1.20 -4.56
CA THR A 293 -37.97 1.59 -3.86
C THR A 293 -38.62 0.44 -3.05
N GLU A 294 -37.95 -0.72 -2.99
CA GLU A 294 -38.42 -1.84 -2.15
C GLU A 294 -38.28 -1.47 -0.68
N VAL A 295 -39.28 -1.85 0.13
CA VAL A 295 -39.30 -1.51 1.56
C VAL A 295 -38.69 -2.64 2.41
N ILE A 296 -37.66 -2.30 3.16
CA ILE A 296 -36.99 -3.21 4.09
C ILE A 296 -37.49 -2.91 5.49
N PRO A 297 -38.18 -3.88 6.13
CA PRO A 297 -38.58 -3.67 7.52
C PRO A 297 -37.36 -3.57 8.44
N LEU A 298 -37.34 -2.55 9.29
CA LEU A 298 -36.29 -2.42 10.27
C LEU A 298 -36.36 -3.57 11.28
N THR A 299 -35.25 -4.27 11.48
CA THR A 299 -35.13 -5.24 12.56
C THR A 299 -35.00 -4.50 13.88
N GLU A 300 -35.24 -5.21 14.98
CA GLU A 300 -35.13 -4.61 16.32
C GLU A 300 -33.74 -4.06 16.58
N GLU A 301 -32.72 -4.78 16.13
CA GLU A 301 -31.34 -4.33 16.30
C GLU A 301 -31.07 -3.07 15.47
N ALA A 302 -31.65 -3.00 14.27
CA ALA A 302 -31.60 -1.75 13.46
C ALA A 302 -32.36 -0.61 14.14
N GLU A 303 -33.55 -0.88 14.72
CA GLU A 303 -34.27 0.15 15.46
C GLU A 303 -33.44 0.66 16.64
N LEU A 304 -32.80 -0.25 17.38
CA LEU A 304 -32.00 0.14 18.54
C LEU A 304 -30.81 1.00 18.08
N GLU A 305 -30.14 0.57 17.02
CA GLU A 305 -29.01 1.30 16.48
C GLU A 305 -29.43 2.71 16.02
N LEU A 306 -30.52 2.78 15.28
CA LEU A 306 -31.00 4.08 14.80
C LEU A 306 -31.38 4.99 15.98
N ALA A 307 -32.02 4.42 17.00
CA ALA A 307 -32.38 5.20 18.18
C ALA A 307 -31.16 5.75 18.88
N GLU A 308 -30.10 4.94 18.99
CA GLU A 308 -28.91 5.40 19.68
C GLU A 308 -28.23 6.54 18.88
N ASN A 309 -28.22 6.45 17.55
CA ASN A 309 -27.64 7.49 16.72
C ASN A 309 -28.39 8.82 16.85
N ARG A 310 -29.73 8.77 16.89
CA ARG A 310 -30.53 9.99 17.10
C ARG A 310 -30.10 10.70 18.40
N GLU A 311 -29.79 9.91 19.42
CA GLU A 311 -29.45 10.45 20.73
C GLU A 311 -28.10 11.13 20.61
N ILE A 312 -27.19 10.48 19.88
CA ILE A 312 -25.86 11.05 19.65
C ILE A 312 -25.99 12.39 18.91
N LEU A 313 -26.93 12.48 17.96
CA LEU A 313 -27.05 13.64 17.08
C LEU A 313 -27.99 14.74 17.60
N LYS A 314 -28.63 14.55 18.75
CA LYS A 314 -29.67 15.49 19.18
C LYS A 314 -29.14 16.90 19.42
N GLU A 315 -27.88 17.00 19.86
CA GLU A 315 -27.25 18.30 20.14
C GLU A 315 -25.96 18.48 19.33
N PRO A 316 -25.69 19.72 18.84
CA PRO A 316 -24.51 19.92 17.99
C PRO A 316 -23.22 19.49 18.67
N VAL A 317 -22.30 18.93 17.88
CA VAL A 317 -20.93 18.71 18.31
C VAL A 317 -19.96 19.34 17.30
N HIS A 318 -18.91 19.98 17.81
CA HIS A 318 -17.91 20.62 16.96
C HIS A 318 -16.53 20.09 17.23
N GLY A 319 -15.67 20.14 16.21
CA GLY A 319 -14.26 19.82 16.36
C GLY A 319 -13.42 21.08 16.46
N VAL A 320 -12.25 20.99 17.07
CA VAL A 320 -11.29 22.10 17.07
C VAL A 320 -10.32 21.93 15.89
N TYR A 321 -9.62 23.02 15.57
CA TYR A 321 -8.57 23.02 14.56
C TYR A 321 -7.23 22.54 15.15
N TYR A 322 -6.22 22.48 14.29
CA TYR A 322 -4.94 21.83 14.60
C TYR A 322 -3.86 22.81 15.07
N ASP A 323 -3.14 22.43 16.10
CA ASP A 323 -2.02 23.20 16.60
C ASP A 323 -0.76 22.37 16.41
N PRO A 324 0.11 22.77 15.47
CA PRO A 324 1.30 22.00 15.09
C PRO A 324 2.40 21.86 16.14
N SER A 325 2.35 22.67 17.18
CA SER A 325 3.35 22.61 18.23
C SER A 325 3.05 21.53 19.29
N LYS A 326 1.93 20.83 19.17
CA LYS A 326 1.54 19.82 20.17
C LYS A 326 1.34 18.44 19.53
N ASP A 327 1.51 17.40 20.34
CA ASP A 327 1.27 16.04 19.90
C ASP A 327 -0.21 15.84 19.62
N LEU A 328 -0.47 14.82 18.82
CA LEU A 328 -1.80 14.32 18.59
C LEU A 328 -1.91 13.08 19.45
N ILE A 329 -3.07 12.93 20.10
CA ILE A 329 -3.39 11.78 20.93
C ILE A 329 -4.61 11.10 20.34
N ALA A 330 -4.54 9.79 20.10
CA ALA A 330 -5.66 9.02 19.58
C ALA A 330 -6.08 7.99 20.60
N GLU A 331 -7.36 7.98 20.94
CA GLU A 331 -7.95 6.95 21.82
C GLU A 331 -8.91 6.10 21.03
N ILE A 332 -8.87 4.79 21.27
CA ILE A 332 -9.73 3.82 20.63
C ILE A 332 -10.53 3.05 21.68
N GLN A 333 -11.83 2.85 21.45
CA GLN A 333 -12.63 1.94 22.30
C GLN A 333 -13.24 0.86 21.45
N LYS A 334 -13.41 -0.31 22.05
CA LYS A 334 -14.22 -1.37 21.47
C LYS A 334 -15.70 -1.10 21.77
N GLN A 335 -16.55 -1.07 20.74
CA GLN A 335 -18.02 -0.91 20.93
C GLN A 335 -18.77 -2.20 20.81
N GLY A 336 -18.09 -3.28 20.44
N GLY A 336 -18.05 -3.28 20.53
CA GLY A 336 -18.72 -4.61 20.42
CA GLY A 336 -18.62 -4.61 20.56
C GLY A 336 -19.06 -5.09 19.03
C GLY A 336 -18.29 -5.29 19.26
N GLN A 337 -18.92 -6.40 18.84
N GLN A 337 -19.19 -6.20 18.90
CA GLN A 337 -19.28 -7.01 17.57
CA GLN A 337 -19.12 -7.05 17.72
C GLN A 337 -18.52 -6.40 16.39
C GLN A 337 -18.51 -6.39 16.50
N GLY A 338 -17.19 -6.38 16.47
CA GLY A 338 -16.40 -5.91 15.34
C GLY A 338 -16.36 -4.42 15.10
N GLN A 339 -16.98 -3.63 15.98
CA GLN A 339 -17.05 -2.18 15.84
C GLN A 339 -16.07 -1.50 16.79
N TRP A 340 -15.37 -0.49 16.27
CA TRP A 340 -14.39 0.24 17.02
C TRP A 340 -14.63 1.68 16.75
N THR A 341 -14.36 2.49 17.74
CA THR A 341 -14.55 3.93 17.61
C THR A 341 -13.31 4.64 18.16
N TYR A 342 -13.00 5.82 17.63
CA TYR A 342 -11.81 6.56 18.04
C TYR A 342 -12.02 8.06 18.00
N GLN A 343 -11.20 8.74 18.81
CA GLN A 343 -11.18 10.19 18.90
C GLN A 343 -9.74 10.64 18.88
N ILE A 344 -9.50 11.79 18.28
CA ILE A 344 -8.14 12.34 18.20
C ILE A 344 -8.24 13.75 18.76
N TYR A 345 -7.42 14.03 19.77
CA TYR A 345 -7.35 15.35 20.40
C TYR A 345 -5.91 15.75 20.68
N GLN A 346 -5.70 17.02 21.00
CA GLN A 346 -4.39 17.47 21.46
C GLN A 346 -4.44 17.85 22.95
N GLU A 347 -5.53 18.44 23.40
CA GLU A 347 -5.79 18.73 24.80
C GLU A 347 -7.03 17.93 25.17
N PRO A 348 -6.95 17.13 26.26
CA PRO A 348 -8.08 16.30 26.63
C PRO A 348 -9.20 17.21 27.12
N PHE A 349 -10.44 17.06 26.66
CA PHE A 349 -10.89 16.15 25.63
C PHE A 349 -11.57 16.91 24.50
N LYS A 350 -10.78 17.75 23.82
CA LYS A 350 -11.27 18.63 22.78
C LYS A 350 -10.87 18.04 21.45
N ASN A 351 -11.75 17.18 20.94
CA ASN A 351 -11.48 16.43 19.72
C ASN A 351 -11.28 17.34 18.52
N LEU A 352 -10.23 17.05 17.79
CA LEU A 352 -10.04 17.50 16.43
C LEU A 352 -10.97 16.72 15.52
N LYS A 353 -11.09 15.40 15.74
CA LYS A 353 -12.00 14.58 14.94
C LYS A 353 -12.20 13.24 15.60
N THR A 354 -13.17 12.51 15.06
CA THR A 354 -13.51 11.18 15.54
C THR A 354 -13.56 10.27 14.33
N GLY A 355 -13.77 8.99 14.58
CA GLY A 355 -13.98 8.04 13.51
C GLY A 355 -14.39 6.70 14.03
N LYS A 356 -14.62 5.78 13.10
CA LYS A 356 -14.92 4.39 13.45
C LYS A 356 -14.15 3.43 12.53
N TYR A 357 -13.97 2.21 12.98
CA TYR A 357 -13.34 1.16 12.20
C TYR A 357 -14.21 -0.07 12.44
N ALA A 358 -14.46 -0.84 11.38
CA ALA A 358 -15.24 -2.05 11.51
C ALA A 358 -14.54 -3.25 10.87
N ARG A 359 -13.89 -2.99 9.74
CA ARG A 359 -13.45 -3.97 8.76
C ARG A 359 -13.09 -5.34 9.35
N MET A 360 -13.86 -6.34 8.95
CA MET A 360 -13.40 -7.72 9.04
C MET A 360 -12.31 -7.96 7.98
N ARG A 361 -11.05 -8.03 8.42
CA ARG A 361 -9.97 -8.60 7.59
C ARG A 361 -9.88 -10.12 7.77
N GLY A 362 -10.16 -10.87 6.71
CA GLY A 362 -10.09 -12.33 6.74
C GLY A 362 -11.35 -13.00 7.30
N ALA A 363 -11.37 -14.32 7.27
CA ALA A 363 -12.55 -15.08 7.67
C ALA A 363 -12.71 -15.23 9.20
N HIS A 364 -11.65 -14.95 9.96
CA HIS A 364 -11.58 -15.32 11.39
C HIS A 364 -10.58 -14.48 12.06
N THR A 365 -10.91 -13.95 13.23
CA THR A 365 -10.08 -12.92 13.82
C THR A 365 -10.29 -12.81 15.32
N ASN A 366 -9.50 -11.93 15.90
CA ASN A 366 -9.62 -11.61 17.30
C ASN A 366 -9.43 -10.11 17.53
N ASP A 367 -9.73 -9.67 18.76
CA ASP A 367 -9.71 -8.28 19.09
C ASP A 367 -8.29 -7.68 19.10
N VAL A 368 -7.26 -8.47 19.38
CA VAL A 368 -5.91 -7.94 19.31
C VAL A 368 -5.57 -7.61 17.83
N LYS A 369 -5.93 -8.47 16.89
CA LYS A 369 -5.69 -8.21 15.45
C LYS A 369 -6.51 -6.99 15.04
N GLN A 370 -7.79 -6.95 15.41
CA GLN A 370 -8.63 -5.83 15.02
C GLN A 370 -8.12 -4.49 15.57
N LEU A 371 -7.71 -4.46 16.82
CA LEU A 371 -7.16 -3.26 17.41
C LEU A 371 -5.95 -2.75 16.62
N THR A 372 -5.07 -3.68 16.25
CA THR A 372 -3.85 -3.38 15.48
C THR A 372 -4.22 -2.78 14.12
N GLU A 373 -5.20 -3.36 13.46
CA GLU A 373 -5.70 -2.84 12.20
C GLU A 373 -6.27 -1.44 12.37
N ALA A 374 -7.02 -1.23 13.45
CA ALA A 374 -7.58 0.09 13.71
C ALA A 374 -6.46 1.12 13.90
N VAL A 375 -5.47 0.76 14.69
CA VAL A 375 -4.32 1.59 14.91
C VAL A 375 -3.62 1.93 13.57
N GLN A 376 -3.45 0.95 12.70
CA GLN A 376 -2.85 1.19 11.41
C GLN A 376 -3.64 2.20 10.56
N LYS A 377 -4.96 2.02 10.50
CA LYS A 377 -5.85 2.95 9.80
C LYS A 377 -5.74 4.39 10.33
N ILE A 378 -5.76 4.56 11.64
CA ILE A 378 -5.66 5.86 12.23
C ILE A 378 -4.27 6.47 11.95
N THR A 379 -3.24 5.64 12.02
CA THR A 379 -1.89 6.10 11.75
C THR A 379 -1.79 6.69 10.32
N THR A 380 -2.34 6.00 9.34
CA THR A 380 -2.29 6.50 7.95
C THR A 380 -3.09 7.78 7.77
N GLU A 381 -4.28 7.80 8.36
CA GLU A 381 -5.13 8.97 8.29
C GLU A 381 -4.43 10.19 8.90
N SER A 382 -3.69 9.97 9.99
CA SER A 382 -2.99 11.08 10.65
C SER A 382 -1.84 11.63 9.87
N ILE A 383 -1.13 10.75 9.17
CA ILE A 383 -0.02 11.19 8.32
C ILE A 383 -0.60 12.04 7.20
N VAL A 384 -1.72 11.59 6.63
CA VAL A 384 -2.40 12.36 5.56
C VAL A 384 -2.87 13.75 6.02
N ILE A 385 -3.59 13.81 7.14
CA ILE A 385 -4.16 15.07 7.62
C ILE A 385 -3.15 16.03 8.27
N TRP A 386 -2.22 15.49 9.06
CA TRP A 386 -1.31 16.30 9.86
C TRP A 386 0.14 16.08 9.56
N GLY A 387 0.51 15.06 8.81
CA GLY A 387 1.94 14.82 8.53
C GLY A 387 2.74 14.20 9.66
N LYS A 388 2.05 13.71 10.69
CA LYS A 388 2.69 12.96 11.75
C LYS A 388 1.75 11.94 12.39
N THR A 389 2.36 11.02 13.14
CA THR A 389 1.60 9.95 13.79
C THR A 389 1.17 10.38 15.20
N PRO A 390 -0.01 9.95 15.63
CA PRO A 390 -0.43 10.28 17.00
C PRO A 390 0.19 9.36 18.02
N LYS A 391 0.22 9.77 19.29
CA LYS A 391 0.49 8.85 20.39
C LYS A 391 -0.85 8.20 20.71
N PHE A 392 -0.86 6.90 20.92
CA PHE A 392 -2.11 6.17 21.15
C PHE A 392 -2.40 5.82 22.64
N LYS A 393 -3.69 5.77 22.96
CA LYS A 393 -4.15 5.26 24.25
C LYS A 393 -5.12 4.15 23.95
N LEU A 394 -4.75 2.95 24.37
CA LEU A 394 -5.38 1.72 23.92
C LEU A 394 -5.87 0.87 25.08
N PRO A 395 -7.02 0.20 24.90
CA PRO A 395 -7.60 -0.57 25.96
C PRO A 395 -7.10 -2.01 25.98
N ILE A 396 -5.79 -2.16 25.98
CA ILE A 396 -5.15 -3.47 25.97
C ILE A 396 -3.95 -3.30 26.89
N GLN A 397 -3.72 -4.25 27.79
CA GLN A 397 -2.58 -4.19 28.69
C GLN A 397 -1.29 -4.42 27.90
N LYS A 398 -0.20 -3.80 28.35
CA LYS A 398 1.10 -4.01 27.74
C LYS A 398 1.47 -5.49 27.70
N GLU A 399 1.19 -6.25 28.76
CA GLU A 399 1.51 -7.67 28.80
C GLU A 399 0.71 -8.46 27.78
N THR A 400 -0.55 -8.12 27.58
CA THR A 400 -1.34 -8.81 26.59
C THR A 400 -0.74 -8.58 25.20
N TRP A 401 -0.39 -7.33 24.90
CA TRP A 401 0.15 -6.97 23.59
C TRP A 401 1.43 -7.71 23.34
N GLU A 402 2.31 -7.71 24.34
CA GLU A 402 3.61 -8.40 24.37
C GLU A 402 3.54 -9.89 24.14
N THR A 403 2.68 -10.56 24.88
CA THR A 403 2.49 -11.96 24.68
C THR A 403 2.05 -12.18 23.22
N TRP A 404 1.07 -11.43 22.74
CA TRP A 404 0.57 -11.68 21.38
C TRP A 404 1.63 -11.52 20.32
N TRP A 405 2.27 -10.36 20.24
CA TRP A 405 3.17 -10.07 19.11
C TRP A 405 4.39 -10.92 19.10
N THR A 406 4.93 -11.25 20.27
CA THR A 406 6.15 -12.00 20.30
C THR A 406 5.89 -13.45 19.90
N GLU A 407 4.66 -13.92 20.10
CA GLU A 407 4.33 -15.31 19.75
C GLU A 407 3.73 -15.44 18.34
N TYR A 408 3.16 -14.36 17.81
CA TYR A 408 2.47 -14.43 16.51
C TYR A 408 3.46 -14.49 15.34
N TRP A 409 3.08 -15.13 14.24
CA TRP A 409 4.02 -15.34 13.11
C TRP A 409 4.15 -14.17 12.14
N GLN A 410 3.30 -13.17 12.28
CA GLN A 410 3.38 -11.93 11.48
C GLN A 410 4.10 -10.84 12.23
N ALA A 411 4.85 -10.04 11.48
CA ALA A 411 5.46 -8.85 12.03
C ALA A 411 4.37 -7.86 12.34
N THR A 412 4.44 -7.28 13.54
CA THR A 412 3.51 -6.23 13.94
C THR A 412 4.33 -5.14 14.61
N TRP A 413 3.83 -3.91 14.55
CA TRP A 413 4.46 -2.81 15.26
C TRP A 413 3.51 -1.66 15.45
N ILE A 414 2.92 -1.58 16.63
CA ILE A 414 2.21 -0.38 17.06
C ILE A 414 3.26 0.64 17.54
N PRO A 415 3.23 1.86 16.97
CA PRO A 415 4.02 2.97 17.49
C PRO A 415 3.58 3.44 18.92
N GLU A 416 4.26 4.45 19.44
CA GLU A 416 4.13 4.86 20.86
C GLU A 416 2.70 4.81 21.38
N TRP A 417 2.48 4.01 22.42
CA TRP A 417 1.16 3.85 22.99
C TRP A 417 1.17 3.56 24.48
N GLU A 418 0.02 3.79 25.12
CA GLU A 418 -0.15 3.59 26.58
C GLU A 418 -1.48 2.91 26.82
N PHE A 419 -1.49 2.05 27.84
CA PHE A 419 -2.71 1.37 28.28
C PHE A 419 -3.64 2.40 28.92
N VAL A 420 -4.91 2.39 28.55
CA VAL A 420 -5.89 3.16 29.31
C VAL A 420 -6.97 2.19 29.75
N ASN A 421 -7.37 2.26 31.02
CA ASN A 421 -8.32 1.29 31.57
C ASN A 421 -9.76 1.71 31.26
N THR A 422 -10.20 1.45 30.04
CA THR A 422 -11.53 1.86 29.60
C THR A 422 -12.18 0.60 29.11
N PRO A 423 -12.88 -0.12 30.01
CA PRO A 423 -13.48 -1.38 29.57
C PRO A 423 -14.46 -1.20 28.39
N PRO A 424 -14.68 -2.26 27.57
CA PRO A 424 -14.11 -3.60 27.72
C PRO A 424 -12.65 -3.64 27.26
N LEU A 425 -11.80 -4.36 27.99
CA LEU A 425 -10.40 -4.40 27.65
C LEU A 425 -10.18 -5.48 26.62
N VAL A 426 -9.19 -5.28 25.77
CA VAL A 426 -8.85 -6.28 24.77
C VAL A 426 -7.98 -7.35 25.37
N LYS A 427 -8.42 -8.59 25.23
CA LYS A 427 -7.69 -9.76 25.68
C LYS A 427 -7.89 -10.94 24.72
N LEU A 428 -7.14 -12.01 24.96
CA LEU A 428 -7.31 -13.28 24.27
C LEU A 428 -8.00 -14.22 25.21
N TRP A 429 -8.87 -15.05 24.68
CA TRP A 429 -9.85 -15.80 25.47
C TRP A 429 -9.51 -17.22 25.75
N TYR A 430 -8.50 -17.74 25.08
CA TYR A 430 -7.92 -19.05 25.41
C TYR A 430 -6.54 -19.07 24.81
N GLN A 431 -5.76 -20.05 25.23
CA GLN A 431 -4.48 -20.28 24.62
C GLN A 431 -4.25 -21.78 24.52
N LEU A 432 -3.54 -22.20 23.47
CA LEU A 432 -3.19 -23.59 23.29
C LEU A 432 -1.93 -23.94 24.05
N GLU A 433 -1.87 -25.16 24.57
CA GLU A 433 -0.67 -25.63 25.25
C GLU A 433 0.50 -25.73 24.28
N LYS A 434 1.70 -25.57 24.82
CA LYS A 434 2.95 -25.80 24.10
C LYS A 434 3.36 -27.25 24.08
N GLU A 435 2.84 -28.01 25.04
CA GLU A 435 3.23 -29.41 25.22
C GLU A 435 2.01 -30.29 25.39
N PRO A 436 2.13 -31.57 24.98
CA PRO A 436 1.00 -32.48 25.23
C PRO A 436 0.74 -32.67 26.74
N ILE A 437 -0.52 -32.87 27.09
CA ILE A 437 -0.97 -32.93 28.48
C ILE A 437 -1.00 -34.37 29.00
N VAL A 438 -0.21 -34.62 30.03
CA VAL A 438 -0.23 -35.91 30.74
C VAL A 438 -1.57 -36.07 31.46
N GLY A 439 -2.06 -37.31 31.53
CA GLY A 439 -3.36 -37.57 32.14
C GLY A 439 -4.57 -37.10 31.35
N ALA A 440 -4.35 -36.56 30.14
CA ALA A 440 -5.45 -36.15 29.27
C ALA A 440 -5.62 -37.14 28.12
N GLU A 441 -6.87 -37.36 27.74
CA GLU A 441 -7.21 -38.24 26.65
C GLU A 441 -6.73 -37.66 25.31
N THR A 442 -6.10 -38.50 24.50
CA THR A 442 -5.67 -38.12 23.14
C THR A 442 -6.71 -38.52 22.10
N PHE A 443 -7.23 -37.52 21.37
CA PHE A 443 -8.15 -37.72 20.30
C PHE A 443 -7.44 -37.56 18.94
N TYR A 444 -7.70 -38.51 18.03
CA TYR A 444 -7.23 -38.46 16.66
C TYR A 444 -8.43 -38.24 15.82
N VAL A 445 -8.47 -37.08 15.16
CA VAL A 445 -9.67 -36.64 14.53
C VAL A 445 -9.48 -36.64 13.03
N ASP A 446 -10.56 -36.74 12.29
CA ASP A 446 -10.47 -36.62 10.84
C ASP A 446 -11.85 -36.43 10.26
N GLY A 447 -11.89 -35.92 9.03
CA GLY A 447 -13.14 -35.75 8.30
C GLY A 447 -12.91 -36.08 6.84
N ALA A 448 -13.94 -36.52 6.16
CA ALA A 448 -13.83 -36.81 4.73
C ALA A 448 -15.11 -36.43 4.06
N ALA A 449 -14.99 -35.98 2.81
CA ALA A 449 -16.14 -35.57 2.03
C ALA A 449 -16.00 -36.06 0.58
N ASN A 450 -17.12 -36.46 -0.01
CA ASN A 450 -17.20 -36.89 -1.39
C ASN A 450 -17.50 -35.67 -2.25
N ARG A 451 -16.61 -35.38 -3.20
CA ARG A 451 -16.76 -34.22 -4.07
C ARG A 451 -18.01 -34.30 -4.95
N GLU A 452 -18.37 -35.50 -5.39
CA GLU A 452 -19.54 -35.68 -6.25
C GLU A 452 -20.88 -35.57 -5.50
N THR A 453 -20.96 -36.15 -4.31
CA THR A 453 -22.24 -36.22 -3.60
C THR A 453 -22.38 -35.13 -2.53
N LYS A 454 -21.24 -34.58 -2.10
CA LYS A 454 -21.20 -33.61 -1.01
C LYS A 454 -21.64 -34.23 0.34
N LEU A 455 -21.54 -35.56 0.46
CA LEU A 455 -21.76 -36.24 1.75
C LEU A 455 -20.42 -36.38 2.42
N GLY A 456 -20.43 -36.43 3.74
CA GLY A 456 -19.19 -36.57 4.48
C GLY A 456 -19.35 -37.17 5.87
N LYS A 457 -18.22 -37.46 6.48
CA LYS A 457 -18.18 -37.99 7.83
C LYS A 457 -17.11 -37.24 8.61
N ALA A 458 -17.39 -37.01 9.88
CA ALA A 458 -16.39 -36.49 10.81
C ALA A 458 -16.31 -37.43 12.00
N GLY A 459 -15.15 -37.54 12.62
CA GLY A 459 -15.02 -38.47 13.70
C GLY A 459 -13.70 -38.46 14.41
N TYR A 460 -13.63 -39.30 15.44
CA TYR A 460 -12.40 -39.48 16.18
C TYR A 460 -12.21 -40.92 16.63
N VAL A 461 -10.95 -41.28 16.87
CA VAL A 461 -10.65 -42.37 17.80
C VAL A 461 -9.78 -41.80 18.91
N THR A 462 -9.79 -42.44 20.08
CA THR A 462 -8.98 -41.98 21.22
C THR A 462 -8.16 -43.09 21.85
N ASN A 463 -7.04 -42.70 22.45
CA ASN A 463 -6.15 -43.67 23.10
C ASN A 463 -6.80 -44.49 24.21
N ARG A 464 -7.92 -44.01 24.74
CA ARG A 464 -8.70 -44.74 25.77
C ARG A 464 -9.76 -45.67 25.14
N GLY A 465 -9.71 -45.78 23.81
CA GLY A 465 -10.51 -46.74 23.06
C GLY A 465 -11.85 -46.26 22.60
N ARG A 466 -12.09 -44.96 22.66
CA ARG A 466 -13.36 -44.44 22.20
C ARG A 466 -13.30 -44.19 20.71
N GLN A 467 -14.46 -44.20 20.09
CA GLN A 467 -14.60 -43.84 18.70
C GLN A 467 -15.96 -43.27 18.48
N LYS A 468 -16.09 -42.47 17.43
CA LYS A 468 -17.37 -41.90 17.03
C LYS A 468 -17.27 -41.35 15.62
N VAL A 469 -18.34 -41.48 14.85
CA VAL A 469 -18.43 -40.95 13.51
C VAL A 469 -19.80 -40.32 13.37
N VAL A 470 -19.87 -39.11 12.86
CA VAL A 470 -21.14 -38.48 12.55
C VAL A 470 -21.20 -38.25 11.03
N THR A 471 -22.39 -38.33 10.47
CA THR A 471 -22.56 -38.20 9.03
C THR A 471 -23.06 -36.81 8.72
N LEU A 472 -22.58 -36.27 7.60
CA LEU A 472 -22.83 -34.89 7.21
C LEU A 472 -23.27 -34.84 5.78
N THR A 473 -24.04 -33.83 5.45
CA THR A 473 -24.57 -33.69 4.11
C THR A 473 -24.34 -32.26 3.63
N ASP A 474 -24.29 -32.08 2.32
CA ASP A 474 -23.86 -30.83 1.70
C ASP A 474 -22.61 -30.20 2.37
N THR A 475 -21.56 -30.98 2.47
CA THR A 475 -20.39 -30.50 3.19
C THR A 475 -19.21 -30.45 2.25
N THR A 476 -18.04 -30.15 2.82
CA THR A 476 -16.79 -30.08 2.09
C THR A 476 -15.68 -30.63 2.98
N ASN A 477 -14.54 -30.94 2.39
CA ASN A 477 -13.45 -31.51 3.18
C ASN A 477 -13.06 -30.59 4.33
N GLN A 478 -12.95 -29.31 4.05
CA GLN A 478 -12.64 -28.34 5.10
C GLN A 478 -13.62 -28.42 6.28
N LYS A 479 -14.90 -28.47 5.98
CA LYS A 479 -15.95 -28.44 7.00
C LYS A 479 -15.93 -29.71 7.85
N THR A 480 -15.73 -30.85 7.20
CA THR A 480 -15.62 -32.10 7.90
C THR A 480 -14.41 -32.09 8.84
N GLU A 481 -13.29 -31.50 8.43
CA GLU A 481 -12.12 -31.45 9.31
CA GLU A 481 -12.10 -31.41 9.28
C GLU A 481 -12.41 -30.60 10.54
N LEU A 482 -13.14 -29.50 10.39
CA LEU A 482 -13.50 -28.68 11.54
C LEU A 482 -14.60 -29.39 12.39
N GLN A 483 -15.55 -30.04 11.73
CA GLN A 483 -16.59 -30.78 12.45
C GLN A 483 -15.93 -31.78 13.36
N ALA A 484 -14.86 -32.45 12.92
CA ALA A 484 -14.20 -33.48 13.72
C ALA A 484 -13.56 -32.94 14.98
N ILE A 485 -12.90 -31.79 14.84
CA ILE A 485 -12.29 -31.13 15.99
C ILE A 485 -13.37 -30.72 16.96
N TYR A 486 -14.49 -30.22 16.43
CA TYR A 486 -15.60 -29.82 17.27
C TYR A 486 -16.14 -31.02 18.08
N LEU A 487 -16.26 -32.18 17.42
CA LEU A 487 -16.70 -33.42 18.09
C LEU A 487 -15.78 -33.77 19.23
N ALA A 488 -14.48 -33.73 18.97
CA ALA A 488 -13.49 -34.07 19.98
C ALA A 488 -13.59 -33.14 21.19
N LEU A 489 -13.80 -31.86 20.94
CA LEU A 489 -13.96 -30.90 22.02
C LEU A 489 -15.24 -31.16 22.82
N GLN A 490 -16.35 -31.50 22.15
CA GLN A 490 -17.59 -31.75 22.84
C GLN A 490 -17.50 -32.97 23.77
N ASP A 491 -16.85 -34.02 23.30
CA ASP A 491 -16.88 -35.34 23.96
C ASP A 491 -15.74 -35.50 24.96
N SER A 492 -14.84 -34.52 25.03
CA SER A 492 -13.68 -34.58 25.94
C SER A 492 -13.91 -33.85 27.26
N GLY A 493 -13.09 -34.19 28.25
CA GLY A 493 -13.10 -33.51 29.53
C GLY A 493 -12.40 -32.17 29.42
N LEU A 494 -12.10 -31.57 30.57
CA LEU A 494 -11.56 -30.22 30.60
C LEU A 494 -10.12 -30.09 30.04
N GLU A 495 -9.41 -31.21 29.95
CA GLU A 495 -8.07 -31.26 29.39
C GLU A 495 -8.08 -32.27 28.27
N VAL A 496 -7.50 -31.92 27.12
CA VAL A 496 -7.56 -32.78 25.94
C VAL A 496 -6.41 -32.51 24.96
N ASN A 497 -5.88 -33.58 24.40
CA ASN A 497 -4.92 -33.55 23.32
C ASN A 497 -5.63 -33.97 22.06
N ILE A 498 -5.43 -33.18 20.99
CA ILE A 498 -6.08 -33.40 19.72
C ILE A 498 -5.05 -33.45 18.59
N VAL A 499 -5.14 -34.46 17.74
CA VAL A 499 -4.21 -34.68 16.65
C VAL A 499 -5.03 -34.64 15.36
N THR A 500 -4.76 -33.62 14.54
CA THR A 500 -5.43 -33.44 13.26
C THR A 500 -4.41 -33.57 12.14
N ASP A 501 -4.84 -33.93 10.94
CA ASP A 501 -3.99 -33.79 9.77
C ASP A 501 -4.38 -32.57 8.90
N SER A 502 -5.24 -31.71 9.44
CA SER A 502 -5.71 -30.57 8.68
C SER A 502 -4.86 -29.33 8.99
N GLN A 503 -3.96 -28.97 8.09
CA GLN A 503 -3.25 -27.70 8.24
C GLN A 503 -4.19 -26.51 8.28
N TYR A 504 -5.25 -26.59 7.49
CA TYR A 504 -6.30 -25.57 7.46
C TYR A 504 -6.86 -25.30 8.85
N ALA A 505 -7.33 -26.35 9.53
CA ALA A 505 -7.91 -26.19 10.86
C ALA A 505 -6.88 -25.67 11.84
N LEU A 506 -5.69 -26.22 11.78
CA LEU A 506 -4.67 -25.86 12.72
C LEU A 506 -4.38 -24.35 12.60
N GLY A 507 -4.19 -23.88 11.36
CA GLY A 507 -3.86 -22.48 11.11
C GLY A 507 -4.93 -21.57 11.68
N ILE A 508 -6.20 -21.93 11.48
CA ILE A 508 -7.29 -21.13 12.01
C ILE A 508 -7.18 -21.05 13.54
N ILE A 509 -7.07 -22.21 14.19
CA ILE A 509 -7.13 -22.28 15.63
C ILE A 509 -5.89 -21.72 16.33
N GLN A 510 -4.72 -21.89 15.71
CA GLN A 510 -3.49 -21.36 16.29
C GLN A 510 -3.45 -19.83 16.41
N ALA A 511 -4.24 -19.12 15.60
CA ALA A 511 -4.26 -17.65 15.61
C ALA A 511 -5.24 -17.12 16.66
N GLN A 512 -5.79 -18.02 17.50
CA GLN A 512 -6.61 -17.64 18.65
C GLN A 512 -7.79 -16.74 18.27
N PRO A 513 -8.55 -17.15 17.24
CA PRO A 513 -9.72 -16.38 16.89
C PRO A 513 -10.75 -16.33 18.04
N ASP A 514 -11.40 -15.21 18.17
CA ASP A 514 -12.52 -15.04 19.11
C ASP A 514 -13.81 -14.75 18.34
N GLN A 515 -13.74 -14.67 17.01
CA GLN A 515 -14.91 -14.34 16.19
C GLN A 515 -14.70 -14.86 14.77
N SER A 516 -15.79 -15.31 14.14
CA SER A 516 -15.71 -15.89 12.82
C SER A 516 -16.99 -15.71 12.03
N GLU A 517 -16.80 -15.69 10.72
CA GLU A 517 -17.89 -15.76 9.75
C GLU A 517 -18.46 -17.19 9.64
N SER A 518 -17.75 -18.17 10.19
CA SER A 518 -18.17 -19.58 10.18
C SER A 518 -18.76 -19.98 11.52
N GLU A 519 -20.01 -20.43 11.47
CA GLU A 519 -20.72 -20.81 12.68
C GLU A 519 -19.98 -21.95 13.38
N LEU A 520 -19.47 -22.88 12.59
CA LEU A 520 -18.72 -24.00 13.10
C LEU A 520 -17.49 -23.55 13.86
N VAL A 521 -16.75 -22.59 13.29
CA VAL A 521 -15.57 -22.04 13.96
C VAL A 521 -16.01 -21.36 15.27
N ASN A 522 -17.14 -20.65 15.26
CA ASN A 522 -17.69 -20.06 16.49
C ASN A 522 -18.02 -21.13 17.55
N GLN A 523 -18.52 -22.29 17.12
CA GLN A 523 -18.80 -23.38 18.05
C GLN A 523 -17.49 -23.92 18.62
N ILE A 524 -16.46 -24.06 17.79
CA ILE A 524 -15.18 -24.52 18.30
C ILE A 524 -14.58 -23.52 19.31
N ILE A 525 -14.72 -22.23 19.04
CA ILE A 525 -14.18 -21.20 19.96
C ILE A 525 -14.86 -21.27 21.31
N GLU A 526 -16.19 -21.46 21.30
CA GLU A 526 -16.97 -21.60 22.52
C GLU A 526 -16.45 -22.76 23.37
N GLN A 527 -16.18 -23.90 22.73
CA GLN A 527 -15.58 -25.05 23.42
C GLN A 527 -14.18 -24.77 23.94
N LEU A 528 -13.34 -24.12 23.12
CA LEU A 528 -11.96 -23.85 23.51
C LEU A 528 -11.86 -22.97 24.74
N ILE A 529 -12.76 -22.00 24.86
CA ILE A 529 -12.81 -21.12 26.02
C ILE A 529 -13.21 -21.90 27.29
N LYS A 530 -14.13 -22.85 27.15
CA LYS A 530 -14.57 -23.66 28.29
C LYS A 530 -13.53 -24.67 28.80
N LYS A 531 -12.60 -25.08 27.93
CA LYS A 531 -11.57 -26.04 28.35
C LYS A 531 -10.58 -25.38 29.29
N GLU A 532 -9.90 -26.20 30.08
CA GLU A 532 -8.80 -25.74 30.92
C GLU A 532 -7.48 -25.82 30.18
N LYS A 533 -7.27 -26.91 29.44
CA LYS A 533 -6.05 -27.12 28.67
C LYS A 533 -6.34 -27.84 27.38
N VAL A 534 -5.88 -27.30 26.26
CA VAL A 534 -6.00 -27.96 24.94
C VAL A 534 -4.65 -27.95 24.22
N TYR A 535 -4.21 -29.14 23.82
CA TYR A 535 -3.00 -29.26 23.02
C TYR A 535 -3.39 -29.74 21.64
N LEU A 536 -3.06 -28.95 20.63
CA LEU A 536 -3.46 -29.27 19.26
C LEU A 536 -2.20 -29.54 18.46
N ALA A 537 -2.15 -30.69 17.79
CA ALA A 537 -0.97 -31.07 17.02
C ALA A 537 -1.34 -31.58 15.64
N TRP A 538 -0.39 -31.47 14.71
CA TRP A 538 -0.60 -31.86 13.32
C TRP A 538 0.27 -33.04 12.95
N VAL A 539 -0.28 -33.92 12.11
CA VAL A 539 0.46 -35.00 11.47
C VAL A 539 0.10 -35.07 9.99
N PRO A 540 1.05 -35.49 9.13
CA PRO A 540 0.69 -35.61 7.73
C PRO A 540 -0.31 -36.74 7.48
N ALA A 541 -1.28 -36.49 6.63
CA ALA A 541 -2.26 -37.53 6.23
C ALA A 541 -1.63 -38.68 5.47
N HIS A 542 -2.26 -39.86 5.58
CA HIS A 542 -1.96 -41.02 4.72
C HIS A 542 -0.51 -41.43 4.78
N LYS A 543 0.04 -41.40 6.00
CA LYS A 543 1.38 -41.90 6.24
C LYS A 543 1.38 -43.13 7.17
N GLY A 544 0.20 -43.68 7.43
CA GLY A 544 0.06 -44.81 8.33
C GLY A 544 0.46 -44.49 9.76
N ILE A 545 0.37 -43.21 10.12
CA ILE A 545 0.62 -42.78 11.49
C ILE A 545 -0.51 -43.28 12.38
N GLY A 546 -0.13 -43.96 13.45
CA GLY A 546 -1.10 -44.63 14.30
C GLY A 546 -2.09 -43.64 14.88
N GLY A 547 -3.34 -44.06 14.96
CA GLY A 547 -4.39 -43.20 15.49
C GLY A 547 -5.02 -42.47 14.33
N ASN A 548 -4.20 -41.68 13.62
CA ASN A 548 -4.65 -41.03 12.40
C ASN A 548 -5.09 -42.06 11.34
N GLU A 549 -4.31 -43.13 11.20
CA GLU A 549 -4.68 -44.22 10.28
C GLU A 549 -6.08 -44.78 10.57
N GLN A 550 -6.41 -44.96 11.84
CA GLN A 550 -7.67 -45.61 12.21
C GLN A 550 -8.88 -44.67 12.08
N VAL A 551 -8.70 -43.39 12.40
CA VAL A 551 -9.83 -42.48 12.18
C VAL A 551 -10.02 -42.22 10.69
N ASP A 552 -8.92 -42.26 9.94
CA ASP A 552 -8.98 -42.10 8.48
C ASP A 552 -9.86 -43.18 7.85
N LYS A 553 -9.61 -44.43 8.23
CA LYS A 553 -10.42 -45.57 7.77
C LYS A 553 -11.89 -45.42 8.19
N LEU A 554 -12.09 -45.00 9.43
CA LEU A 554 -13.43 -44.77 9.97
C LEU A 554 -14.24 -43.74 9.14
N VAL A 555 -13.67 -42.57 8.85
CA VAL A 555 -14.44 -41.50 8.18
C VAL A 555 -14.47 -41.66 6.65
N SER A 556 -13.53 -42.42 6.08
CA SER A 556 -13.52 -42.69 4.63
C SER A 556 -14.58 -43.68 4.19
N ALA A 557 -15.01 -44.55 5.11
CA ALA A 557 -15.95 -45.63 4.79
C ALA A 557 -17.21 -45.09 4.09
N GLY A 558 -17.39 -45.47 2.82
CA GLY A 558 -18.54 -45.02 2.03
C GLY A 558 -18.43 -43.63 1.42
N ILE A 559 -17.31 -42.97 1.67
CA ILE A 559 -17.10 -41.58 1.25
C ILE A 559 -15.98 -41.46 0.23
N ARG A 560 -14.81 -42.03 0.54
CA ARG A 560 -13.64 -42.00 -0.34
C ARG A 560 -12.81 -43.30 -0.22
N LYS A 561 -12.26 -43.77 -1.36
CA LYS A 561 -11.37 -44.95 -1.38
C LYS A 561 -9.90 -44.52 -1.23
N ILE B 24 28.47 15.44 -24.99
CA ILE B 24 27.66 14.51 -24.15
C ILE B 24 26.32 14.23 -24.82
N GLU B 25 26.36 13.64 -26.01
CA GLU B 25 25.14 13.19 -26.72
C GLU B 25 24.39 12.14 -25.89
N THR B 26 23.07 12.28 -25.79
CA THR B 26 22.25 11.36 -24.98
C THR B 26 22.04 10.04 -25.71
N VAL B 27 21.72 8.99 -24.93
CA VAL B 27 21.42 7.67 -25.50
C VAL B 27 19.91 7.48 -25.58
N PRO B 28 19.38 7.14 -26.78
CA PRO B 28 17.94 6.97 -26.91
C PRO B 28 17.41 5.76 -26.15
N VAL B 29 16.24 5.92 -25.52
CA VAL B 29 15.62 4.89 -24.70
C VAL B 29 14.19 4.65 -25.17
N LYS B 30 13.87 3.44 -25.62
CA LYS B 30 12.49 3.05 -25.93
C LYS B 30 11.87 2.27 -24.77
N LEU B 31 10.57 2.47 -24.50
CA LEU B 31 9.83 1.59 -23.58
C LEU B 31 9.58 0.24 -24.26
N LYS B 32 9.21 -0.75 -23.44
CA LYS B 32 8.77 -2.05 -23.96
C LYS B 32 7.51 -1.84 -24.83
N PRO B 33 7.64 -2.00 -26.16
CA PRO B 33 6.55 -1.69 -27.10
C PRO B 33 5.13 -2.01 -26.59
N GLY B 34 4.21 -1.06 -26.75
CA GLY B 34 2.87 -1.18 -26.18
C GLY B 34 2.71 -0.71 -24.73
N MET B 35 3.80 -0.65 -23.95
CA MET B 35 3.75 -0.18 -22.56
CA MET B 35 3.71 -0.19 -22.56
C MET B 35 3.86 1.33 -22.51
N ASP B 36 3.12 1.94 -21.60
CA ASP B 36 3.19 3.36 -21.40
C ASP B 36 3.96 3.55 -20.09
N GLY B 37 4.28 4.78 -19.77
CA GLY B 37 5.06 5.09 -18.60
C GLY B 37 4.37 4.79 -17.31
N PRO B 38 5.10 4.92 -16.20
CA PRO B 38 4.54 4.61 -14.90
C PRO B 38 3.54 5.66 -14.43
N LYS B 39 2.46 5.21 -13.79
CA LYS B 39 1.48 6.10 -13.18
C LYS B 39 1.20 5.61 -11.78
N VAL B 40 2.19 5.73 -10.91
CA VAL B 40 2.17 5.12 -9.61
C VAL B 40 1.89 6.16 -8.54
N LYS B 41 0.98 5.83 -7.63
CA LYS B 41 0.52 6.77 -6.61
C LYS B 41 1.66 7.08 -5.62
N GLN B 42 1.90 8.36 -5.33
CA GLN B 42 2.79 8.80 -4.25
C GLN B 42 2.15 8.43 -2.90
N TRP B 43 2.86 7.66 -2.09
CA TRP B 43 2.34 7.25 -0.76
CA TRP B 43 2.39 7.25 -0.78
C TRP B 43 2.52 8.40 0.21
N PRO B 44 1.62 8.51 1.22
CA PRO B 44 1.74 9.68 2.11
C PRO B 44 3.07 9.78 2.87
N LEU B 45 3.60 10.98 2.96
CA LEU B 45 4.86 11.24 3.65
C LEU B 45 4.62 12.10 4.88
N THR B 46 5.41 11.87 5.92
CA THR B 46 5.40 12.71 7.11
C THR B 46 5.94 14.10 6.73
N GLU B 47 5.62 15.11 7.53
CA GLU B 47 6.09 16.47 7.30
C GLU B 47 7.61 16.57 7.25
N GLU B 48 8.26 15.82 8.13
CA GLU B 48 9.71 15.81 8.25
C GLU B 48 10.32 15.40 6.92
N LYS B 49 9.73 14.39 6.29
CA LYS B 49 10.29 13.91 5.03
C LYS B 49 9.91 14.80 3.85
N ILE B 50 8.72 15.38 3.88
CA ILE B 50 8.37 16.38 2.86
C ILE B 50 9.35 17.57 2.89
N LYS B 51 9.60 18.12 4.06
CA LYS B 51 10.57 19.20 4.20
C LYS B 51 11.98 18.83 3.73
N ALA B 52 12.45 17.64 4.09
CA ALA B 52 13.72 17.14 3.57
C ALA B 52 13.75 17.11 2.03
N LEU B 53 12.72 16.53 1.43
CA LEU B 53 12.64 16.43 -0.01
C LEU B 53 12.56 17.81 -0.73
N VAL B 54 11.82 18.75 -0.17
CA VAL B 54 11.71 20.08 -0.75
C VAL B 54 13.11 20.70 -0.80
N GLU B 55 13.85 20.57 0.28
CA GLU B 55 15.20 21.15 0.34
C GLU B 55 16.13 20.48 -0.67
N ILE B 56 16.11 19.15 -0.71
CA ILE B 56 16.94 18.40 -1.66
C ILE B 56 16.61 18.80 -3.09
N CYS B 57 15.32 18.77 -3.43
CA CYS B 57 14.89 19.04 -4.80
C CYS B 57 15.16 20.48 -5.25
N THR B 58 15.02 21.44 -4.35
CA THR B 58 15.36 22.83 -4.65
C THR B 58 16.81 22.93 -5.10
N GLU B 59 17.72 22.28 -4.36
CA GLU B 59 19.15 22.28 -4.72
C GLU B 59 19.37 21.54 -6.06
N MET B 60 18.69 20.43 -6.28
CA MET B 60 18.85 19.66 -7.53
C MET B 60 18.38 20.48 -8.73
N GLU B 61 17.30 21.21 -8.55
CA GLU B 61 16.74 22.07 -9.59
C GLU B 61 17.74 23.19 -9.94
N LYS B 62 18.30 23.83 -8.93
CA LYS B 62 19.37 24.81 -9.13
C LYS B 62 20.56 24.25 -9.92
N GLU B 63 21.02 23.07 -9.57
CA GLU B 63 22.13 22.42 -10.27
C GLU B 63 21.73 21.89 -11.65
N GLY B 64 20.44 21.93 -12.00
CA GLY B 64 20.00 21.50 -13.33
C GLY B 64 19.69 20.02 -13.45
N LYS B 65 19.66 19.29 -12.35
CA LYS B 65 19.47 17.83 -12.42
C LYS B 65 18.03 17.45 -12.72
N ILE B 66 17.11 18.29 -12.27
CA ILE B 66 15.67 18.11 -12.46
C ILE B 66 15.06 19.46 -12.82
N SER B 67 13.84 19.41 -13.36
CA SER B 67 13.10 20.60 -13.75
C SER B 67 11.63 20.41 -13.39
N LYS B 68 10.98 21.48 -12.99
CA LYS B 68 9.53 21.49 -12.79
C LYS B 68 8.83 21.14 -14.09
N ILE B 69 7.70 20.45 -13.98
CA ILE B 69 6.92 20.04 -15.14
C ILE B 69 5.49 20.44 -14.98
N GLY B 70 4.77 20.45 -16.09
CA GLY B 70 3.38 20.84 -16.10
C GLY B 70 2.44 19.64 -16.21
N PRO B 71 1.13 19.92 -16.27
CA PRO B 71 0.15 18.87 -16.14
C PRO B 71 0.01 18.02 -17.40
N GLU B 72 0.60 18.45 -18.51
CA GLU B 72 0.67 17.62 -19.70
C GLU B 72 1.54 16.38 -19.55
N ASN B 73 2.24 16.27 -18.41
CA ASN B 73 2.95 15.05 -18.07
C ASN B 73 2.07 14.21 -17.13
N PRO B 74 1.53 13.08 -17.62
CA PRO B 74 0.62 12.29 -16.80
C PRO B 74 1.32 11.24 -15.89
N TYR B 75 2.64 11.20 -15.90
CA TYR B 75 3.38 10.08 -15.28
C TYR B 75 3.75 10.36 -13.84
N ASN B 76 3.99 9.29 -13.09
CA ASN B 76 4.44 9.45 -11.71
C ASN B 76 5.11 8.21 -11.18
N THR B 77 6.14 8.47 -10.38
CA THR B 77 6.96 7.47 -9.72
C THR B 77 7.06 7.98 -8.27
N PRO B 78 6.87 7.09 -7.28
CA PRO B 78 6.91 7.56 -5.88
C PRO B 78 8.32 7.95 -5.45
N VAL B 79 8.40 8.91 -4.54
CA VAL B 79 9.64 9.29 -3.87
C VAL B 79 9.49 9.19 -2.36
N PHE B 80 10.63 8.96 -1.71
CA PHE B 80 10.74 8.82 -0.26
C PHE B 80 12.02 9.49 0.17
N ALA B 81 12.20 9.66 1.47
CA ALA B 81 13.44 10.17 2.03
C ALA B 81 13.92 9.16 3.04
N ILE B 82 15.20 8.82 2.98
CA ILE B 82 15.80 7.88 3.91
C ILE B 82 17.07 8.50 4.47
N LYS B 83 17.70 7.83 5.43
CA LYS B 83 18.98 8.27 5.97
C LYS B 83 20.16 7.55 5.29
N LYS B 84 21.10 8.37 4.80
CA LYS B 84 22.39 7.89 4.30
C LYS B 84 23.18 7.16 5.39
N LYS B 85 23.80 6.03 5.03
CA LYS B 85 24.75 5.29 5.89
C LYS B 85 24.25 5.15 7.34
N ASP B 86 25.16 5.28 8.31
CA ASP B 86 24.79 5.61 9.70
C ASP B 86 24.89 7.13 9.89
N SER B 87 24.49 7.88 8.86
CA SER B 87 24.57 9.34 8.81
C SER B 87 23.22 9.97 9.08
N THR B 88 23.25 11.28 9.30
CA THR B 88 22.07 12.05 9.68
C THR B 88 21.62 12.99 8.54
N LYS B 89 22.19 12.79 7.35
CA LYS B 89 21.78 13.53 6.17
C LYS B 89 20.68 12.76 5.45
N TRP B 90 19.65 13.49 5.02
CA TRP B 90 18.56 12.94 4.22
C TRP B 90 18.99 12.71 2.81
N ARG B 91 18.49 11.63 2.26
CA ARG B 91 18.78 11.25 0.92
C ARG B 91 17.42 10.98 0.28
N LYS B 92 17.32 11.31 -1.00
CA LYS B 92 16.09 11.09 -1.72
C LYS B 92 16.19 9.70 -2.33
N LEU B 93 15.16 8.89 -2.13
CA LEU B 93 15.07 7.58 -2.74
C LEU B 93 13.89 7.59 -3.69
N VAL B 94 14.13 7.36 -4.97
CA VAL B 94 13.03 7.28 -5.92
C VAL B 94 12.73 5.80 -6.17
N ASP B 95 11.47 5.43 -6.11
CA ASP B 95 11.08 4.04 -6.30
C ASP B 95 10.76 3.80 -7.77
N PHE B 96 11.79 3.50 -8.53
CA PHE B 96 11.65 3.23 -9.95
C PHE B 96 11.31 1.79 -10.30
N ARG B 97 10.70 1.05 -9.38
CA ARG B 97 10.39 -0.34 -9.69
C ARG B 97 9.52 -0.50 -10.94
N GLU B 98 8.52 0.34 -11.07
CA GLU B 98 7.67 0.24 -12.25
C GLU B 98 8.40 0.62 -13.54
N LEU B 99 8.99 1.81 -13.58
CA LEU B 99 9.79 2.23 -14.75
C LEU B 99 10.86 1.18 -15.11
N ASN B 100 11.47 0.58 -14.09
CA ASN B 100 12.48 -0.47 -14.33
C ASN B 100 11.86 -1.65 -15.05
N LYS B 101 10.69 -2.10 -14.61
CA LYS B 101 9.97 -3.18 -15.30
C LYS B 101 9.63 -2.81 -16.72
N ARG B 102 9.18 -1.58 -16.93
CA ARG B 102 8.78 -1.13 -18.27
C ARG B 102 9.96 -0.81 -19.22
N THR B 103 11.19 -0.76 -18.70
CA THR B 103 12.39 -0.49 -19.52
C THR B 103 13.35 -1.70 -19.58
N GLN B 104 12.83 -2.88 -19.25
CA GLN B 104 13.70 -4.06 -19.09
C GLN B 104 14.46 -4.47 -20.36
N ASP B 105 13.85 -4.33 -21.54
CA ASP B 105 14.56 -4.65 -22.77
C ASP B 105 15.79 -3.72 -22.90
N PHE B 106 15.63 -2.46 -22.48
CA PHE B 106 16.74 -1.54 -22.54
C PHE B 106 17.93 -1.98 -21.65
N TRP B 107 17.73 -2.02 -20.33
CA TRP B 107 18.83 -2.30 -19.41
C TRP B 107 19.25 -3.75 -19.30
N GLU B 108 18.40 -4.69 -19.72
CA GLU B 108 18.79 -6.11 -19.64
C GLU B 108 19.20 -6.70 -20.98
N VAL B 109 18.40 -6.51 -22.02
CA VAL B 109 18.70 -7.11 -23.33
C VAL B 109 19.76 -6.26 -24.03
N GLN B 110 19.44 -4.99 -24.23
CA GLN B 110 20.25 -4.09 -25.04
C GLN B 110 21.60 -3.69 -24.40
N LEU B 111 21.58 -3.29 -23.13
CA LEU B 111 22.79 -2.78 -22.47
C LEU B 111 23.10 -3.55 -21.19
N GLY B 112 22.86 -4.86 -21.23
CA GLY B 112 23.01 -5.71 -20.05
C GLY B 112 24.44 -5.72 -19.49
N ILE B 113 24.56 -5.49 -18.18
CA ILE B 113 25.84 -5.61 -17.47
C ILE B 113 25.99 -7.08 -17.04
N PRO B 114 27.00 -7.78 -17.55
CA PRO B 114 27.11 -9.19 -17.16
C PRO B 114 27.58 -9.33 -15.70
N HIS B 115 27.16 -10.41 -15.04
CA HIS B 115 27.44 -10.61 -13.61
C HIS B 115 28.49 -11.69 -13.45
N PRO B 116 29.61 -11.36 -12.78
CA PRO B 116 30.71 -12.34 -12.61
C PRO B 116 30.50 -13.37 -11.50
N ALA B 117 30.68 -14.64 -11.84
CA ALA B 117 30.46 -15.73 -10.91
C ALA B 117 31.55 -15.80 -9.83
N GLY B 118 32.69 -15.16 -10.06
CA GLY B 118 33.80 -15.18 -9.12
C GLY B 118 33.62 -14.28 -7.92
N LEU B 119 32.69 -13.34 -8.00
CA LEU B 119 32.50 -12.35 -6.93
C LEU B 119 32.18 -13.04 -5.60
N LYS B 120 31.25 -13.98 -5.67
CA LYS B 120 30.79 -14.65 -4.48
C LYS B 120 31.83 -15.55 -3.88
N LYS B 121 32.90 -15.84 -4.62
CA LYS B 121 33.98 -16.71 -4.15
C LYS B 121 35.09 -15.92 -3.45
N LYS B 122 35.04 -14.59 -3.51
CA LYS B 122 36.06 -13.78 -2.87
C LYS B 122 35.93 -13.73 -1.33
N LYS B 123 37.05 -13.56 -0.65
CA LYS B 123 37.08 -13.51 0.83
C LYS B 123 36.40 -12.28 1.38
N SER B 124 36.61 -11.13 0.74
CA SER B 124 35.92 -9.91 1.16
C SER B 124 35.35 -9.18 -0.05
N VAL B 125 34.18 -8.60 0.13
CA VAL B 125 33.56 -7.78 -0.88
C VAL B 125 33.10 -6.52 -0.20
N THR B 126 33.52 -5.38 -0.73
CA THR B 126 33.14 -4.08 -0.20
C THR B 126 32.18 -3.40 -1.14
N VAL B 127 31.16 -2.76 -0.60
CA VAL B 127 30.12 -2.14 -1.40
C VAL B 127 30.33 -0.64 -1.36
N LEU B 128 30.46 0.00 -2.52
CA LEU B 128 30.72 1.47 -2.60
C LEU B 128 29.61 2.14 -3.36
N ASP B 129 29.09 3.23 -2.82
CA ASP B 129 28.01 3.96 -3.49
C ASP B 129 28.63 4.88 -4.56
N VAL B 130 28.20 4.69 -5.81
CA VAL B 130 28.68 5.51 -6.94
C VAL B 130 27.53 6.21 -7.68
N GLY B 131 26.39 6.37 -7.00
CA GLY B 131 25.23 7.05 -7.55
C GLY B 131 25.48 8.48 -8.04
N ASP B 132 26.41 9.17 -7.42
CA ASP B 132 26.80 10.53 -7.80
C ASP B 132 27.43 10.63 -9.20
N ALA B 133 27.98 9.55 -9.71
CA ALA B 133 28.49 9.55 -11.07
C ALA B 133 27.40 9.90 -12.11
N TYR B 134 26.16 9.50 -11.86
CA TYR B 134 25.14 9.58 -12.91
C TYR B 134 24.73 11.00 -13.26
N PHE B 135 24.76 11.90 -12.27
CA PHE B 135 24.23 13.25 -12.43
C PHE B 135 25.04 14.16 -13.35
N SER B 136 26.07 13.61 -13.99
CA SER B 136 26.87 14.35 -14.95
C SER B 136 26.53 13.91 -16.37
N VAL B 137 25.56 13.02 -16.51
CA VAL B 137 25.26 12.46 -17.81
C VAL B 137 23.83 12.86 -18.17
N PRO B 138 23.66 13.65 -19.24
CA PRO B 138 22.29 14.07 -19.61
C PRO B 138 21.40 12.89 -19.97
N LEU B 139 20.13 12.98 -19.62
CA LEU B 139 19.12 12.00 -20.00
C LEU B 139 18.45 12.36 -21.34
N ASP B 140 18.28 11.36 -22.21
CA ASP B 140 17.58 11.54 -23.48
C ASP B 140 16.30 12.36 -23.30
N GLU B 141 16.17 13.41 -24.12
CA GLU B 141 15.08 14.38 -23.89
C GLU B 141 13.70 13.75 -24.04
N ASP B 142 13.57 12.79 -24.93
CA ASP B 142 12.27 12.10 -25.13
C ASP B 142 11.90 11.14 -24.01
N PHE B 143 12.86 10.77 -23.16
CA PHE B 143 12.59 9.87 -22.04
C PHE B 143 12.30 10.59 -20.73
N ARG B 144 12.71 11.86 -20.62
CA ARG B 144 12.64 12.57 -19.33
C ARG B 144 11.26 12.53 -18.69
N LYS B 145 10.24 12.61 -19.52
CA LYS B 145 8.88 12.65 -19.03
C LYS B 145 8.52 11.43 -18.17
N TYR B 146 9.12 10.28 -18.43
CA TYR B 146 8.79 9.06 -17.66
C TYR B 146 9.38 9.02 -16.26
N THR B 147 10.21 10.01 -15.92
CA THR B 147 10.88 10.08 -14.64
C THR B 147 10.20 11.08 -13.71
N ALA B 148 8.99 11.48 -14.05
CA ALA B 148 8.20 12.40 -13.23
C ALA B 148 7.95 11.89 -11.84
N PHE B 149 8.01 12.81 -10.88
CA PHE B 149 7.68 12.49 -9.50
C PHE B 149 7.08 13.71 -8.82
N THR B 150 6.47 13.48 -7.66
CA THR B 150 5.70 14.50 -6.96
C THR B 150 6.17 14.58 -5.53
N ILE B 151 6.39 15.81 -5.04
CA ILE B 151 6.50 16.05 -3.61
C ILE B 151 5.12 16.48 -3.11
N PRO B 152 4.46 15.66 -2.27
CA PRO B 152 3.12 15.98 -1.85
C PRO B 152 3.11 17.09 -0.80
N SER B 153 1.96 17.66 -0.52
CA SER B 153 1.86 18.60 0.59
C SER B 153 1.03 17.93 1.68
N ILE B 154 1.00 18.53 2.86
CA ILE B 154 0.18 18.02 3.96
C ILE B 154 -1.26 18.48 3.80
N ASN B 155 -2.19 17.57 4.06
CA ASN B 155 -3.62 17.87 4.03
C ASN B 155 -4.08 18.45 2.69
N ASN B 156 -3.35 18.11 1.63
CA ASN B 156 -3.73 18.52 0.31
C ASN B 156 -3.91 20.01 0.24
N GLU B 157 -3.07 20.73 0.98
CA GLU B 157 -3.14 22.18 1.04
C GLU B 157 -2.92 22.75 -0.34
N THR B 158 -1.81 22.33 -0.94
CA THR B 158 -1.39 22.81 -2.23
C THR B 158 -1.17 21.65 -3.16
N PRO B 159 -1.24 21.90 -4.46
CA PRO B 159 -0.91 20.80 -5.34
C PRO B 159 0.54 20.32 -5.09
N GLY B 160 0.80 19.06 -5.36
CA GLY B 160 2.16 18.56 -5.18
C GLY B 160 3.15 19.29 -6.09
N ILE B 161 4.41 19.33 -5.69
CA ILE B 161 5.45 19.90 -6.51
C ILE B 161 5.93 18.83 -7.49
N ARG B 162 5.86 19.12 -8.78
CA ARG B 162 6.13 18.10 -9.81
C ARG B 162 7.44 18.37 -10.52
N TYR B 163 8.24 17.33 -10.68
CA TYR B 163 9.53 17.43 -11.34
C TYR B 163 9.76 16.25 -12.25
N GLN B 164 10.67 16.42 -13.20
CA GLN B 164 11.26 15.31 -13.93
C GLN B 164 12.77 15.47 -13.96
N TYR B 165 13.46 14.40 -14.33
CA TYR B 165 14.92 14.39 -14.41
C TYR B 165 15.44 14.88 -15.76
N ASN B 166 16.56 15.60 -15.71
CA ASN B 166 17.34 16.01 -16.90
C ASN B 166 18.60 15.18 -17.03
N VAL B 167 18.95 14.44 -15.96
CA VAL B 167 20.16 13.63 -15.91
C VAL B 167 19.80 12.19 -15.52
N LEU B 168 20.72 11.27 -15.74
CA LEU B 168 20.52 9.89 -15.33
C LEU B 168 20.13 9.88 -13.85
N PRO B 169 18.99 9.28 -13.50
CA PRO B 169 18.56 9.30 -12.13
C PRO B 169 19.04 8.09 -11.35
N GLN B 170 19.30 8.30 -10.07
CA GLN B 170 19.64 7.21 -9.19
C GLN B 170 18.42 6.30 -9.03
N GLY B 171 18.63 4.98 -9.12
CA GLY B 171 17.53 4.01 -8.86
C GLY B 171 16.90 3.44 -10.13
N TRP B 172 17.19 4.06 -11.27
CA TRP B 172 16.75 3.55 -12.56
C TRP B 172 17.82 2.64 -13.10
N LYS B 173 17.43 1.41 -13.44
CA LYS B 173 18.40 0.42 -13.93
C LYS B 173 18.99 0.82 -15.26
N GLY B 174 18.33 1.75 -15.98
CA GLY B 174 18.92 2.34 -17.17
C GLY B 174 20.20 3.14 -16.94
N SER B 175 20.35 3.73 -15.74
CA SER B 175 21.46 4.66 -15.53
C SER B 175 22.84 3.97 -15.56
N PRO B 176 23.02 2.91 -14.77
CA PRO B 176 24.28 2.15 -14.91
C PRO B 176 24.44 1.49 -16.26
N ALA B 177 23.33 1.11 -16.88
CA ALA B 177 23.38 0.56 -18.23
C ALA B 177 24.01 1.59 -19.17
N ILE B 178 23.63 2.85 -19.04
CA ILE B 178 24.14 3.90 -19.91
C ILE B 178 25.56 4.30 -19.49
N PHE B 179 25.79 4.40 -18.19
CA PHE B 179 27.09 4.82 -17.66
C PHE B 179 28.18 3.78 -17.78
N GLN B 180 27.81 2.57 -18.20
CA GLN B 180 28.71 1.44 -18.30
C GLN B 180 30.09 1.70 -18.96
N SER B 181 30.08 2.26 -20.17
CA SER B 181 31.33 2.54 -20.87
C SER B 181 32.15 3.61 -20.14
N SER B 182 31.51 4.56 -19.47
CA SER B 182 32.27 5.53 -18.65
C SER B 182 32.91 4.86 -17.44
N MET B 183 32.15 3.99 -16.77
CA MET B 183 32.66 3.28 -15.59
C MET B 183 33.86 2.40 -16.00
N THR B 184 33.78 1.78 -17.17
CA THR B 184 34.88 0.98 -17.67
C THR B 184 36.18 1.79 -17.85
N LYS B 185 36.06 3.01 -18.37
CA LYS B 185 37.24 3.88 -18.53
C LYS B 185 37.80 4.27 -17.18
N ILE B 186 36.91 4.61 -16.25
CA ILE B 186 37.28 4.98 -14.89
C ILE B 186 38.04 3.86 -14.21
N LEU B 187 37.60 2.61 -14.38
CA LEU B 187 38.15 1.50 -13.63
C LEU B 187 39.33 0.82 -14.34
N GLU B 188 39.66 1.25 -15.56
CA GLU B 188 40.59 0.48 -16.40
C GLU B 188 41.99 0.39 -15.77
N PRO B 189 42.58 1.53 -15.36
CA PRO B 189 43.89 1.41 -14.74
C PRO B 189 43.88 0.54 -13.49
N PHE B 190 42.88 0.73 -12.65
CA PHE B 190 42.78 -0.05 -11.43
C PHE B 190 42.64 -1.56 -11.69
N ARG B 191 41.82 -1.94 -12.65
CA ARG B 191 41.65 -3.37 -12.98
C ARG B 191 42.91 -3.97 -13.58
N LYS B 192 43.59 -3.20 -14.42
CA LYS B 192 44.84 -3.64 -15.04
C LYS B 192 45.93 -3.86 -14.00
N GLN B 193 46.02 -2.97 -13.01
CA GLN B 193 47.03 -3.08 -11.96
C GLN B 193 46.64 -4.15 -10.91
N ASN B 194 45.37 -4.55 -10.87
CA ASN B 194 44.89 -5.52 -9.90
C ASN B 194 44.00 -6.57 -10.56
N PRO B 195 44.62 -7.46 -11.35
CA PRO B 195 43.85 -8.40 -12.17
C PRO B 195 43.02 -9.45 -11.42
N ASP B 196 43.24 -9.65 -10.12
CA ASP B 196 42.51 -10.65 -9.34
C ASP B 196 41.41 -10.03 -8.47
N ILE B 197 41.28 -8.70 -8.53
CA ILE B 197 40.15 -8.03 -7.88
C ILE B 197 38.98 -7.99 -8.85
N VAL B 198 37.81 -8.39 -8.36
CA VAL B 198 36.59 -8.41 -9.14
C VAL B 198 35.72 -7.21 -8.76
N ILE B 199 35.34 -6.42 -9.77
CA ILE B 199 34.51 -5.22 -9.56
C ILE B 199 33.25 -5.40 -10.39
N TYR B 200 32.10 -5.33 -9.72
CA TYR B 200 30.78 -5.50 -10.34
C TYR B 200 29.87 -4.34 -9.97
N GLN B 201 29.17 -3.80 -10.95
CA GLN B 201 28.24 -2.72 -10.70
C GLN B 201 26.82 -3.25 -10.68
N TYR B 202 26.05 -2.90 -9.66
CA TYR B 202 24.63 -3.21 -9.66
C TYR B 202 23.92 -1.94 -9.22
N MET B 203 23.08 -1.40 -10.08
CA MET B 203 22.37 -0.17 -9.80
C MET B 203 23.33 0.91 -9.33
N ASP B 204 23.15 1.51 -8.16
CA ASP B 204 23.99 2.67 -7.76
C ASP B 204 25.29 2.28 -7.03
N ASP B 205 25.58 0.98 -6.92
CA ASP B 205 26.73 0.50 -6.13
C ASP B 205 27.77 -0.28 -6.92
N LEU B 206 29.02 -0.19 -6.48
CA LEU B 206 30.05 -1.11 -6.93
C LEU B 206 30.32 -2.13 -5.83
N TYR B 207 30.48 -3.37 -6.24
CA TYR B 207 30.86 -4.49 -5.38
C TYR B 207 32.28 -4.87 -5.74
N VAL B 208 33.19 -4.75 -4.78
CA VAL B 208 34.62 -4.94 -5.04
C VAL B 208 35.12 -6.08 -4.17
N GLY B 209 35.47 -7.21 -4.81
CA GLY B 209 35.94 -8.37 -4.09
C GLY B 209 37.40 -8.75 -4.29
N SER B 210 38.09 -9.07 -3.20
CA SER B 210 39.46 -9.60 -3.30
C SER B 210 39.65 -10.79 -2.37
N ASP B 211 40.74 -11.50 -2.59
CA ASP B 211 41.17 -12.53 -1.67
C ASP B 211 42.30 -12.03 -0.78
N LEU B 212 42.49 -10.72 -0.70
CA LEU B 212 43.59 -10.15 0.08
C LEU B 212 43.29 -10.19 1.56
N GLU B 213 44.34 -10.13 2.37
CA GLU B 213 44.19 -9.86 3.78
C GLU B 213 43.51 -8.50 3.94
N ILE B 214 42.76 -8.37 5.01
CA ILE B 214 41.80 -7.29 5.16
C ILE B 214 42.44 -5.90 5.10
N GLY B 215 43.57 -5.69 5.80
CA GLY B 215 44.35 -4.46 5.67
C GLY B 215 44.66 -4.13 4.22
N GLN B 216 45.22 -5.09 3.49
CA GLN B 216 45.55 -4.88 2.09
C GLN B 216 44.26 -4.60 1.28
N HIS B 217 43.21 -5.37 1.53
CA HIS B 217 41.93 -5.17 0.85
C HIS B 217 41.48 -3.75 1.04
N ARG B 218 41.53 -3.24 2.26
CA ARG B 218 41.05 -1.92 2.53
C ARG B 218 41.96 -0.85 1.92
N THR B 219 43.26 -1.12 1.86
CA THR B 219 44.18 -0.24 1.16
C THR B 219 43.77 -0.17 -0.32
N LYS B 220 43.44 -1.29 -0.93
CA LYS B 220 43.01 -1.25 -2.34
C LYS B 220 41.72 -0.50 -2.52
N ILE B 221 40.81 -0.64 -1.57
CA ILE B 221 39.55 0.10 -1.66
C ILE B 221 39.81 1.60 -1.60
N GLU B 222 40.67 2.03 -0.69
CA GLU B 222 41.01 3.44 -0.64
C GLU B 222 41.65 3.91 -1.97
N GLU B 223 42.50 3.08 -2.57
CA GLU B 223 43.04 3.39 -3.92
C GLU B 223 41.91 3.57 -4.93
N LEU B 224 41.00 2.60 -4.97
CA LEU B 224 39.85 2.70 -5.86
C LEU B 224 39.10 4.01 -5.65
N ARG B 225 38.92 4.40 -4.40
N ARG B 225 38.93 4.41 -4.40
CA ARG B 225 38.24 5.66 -4.08
CA ARG B 225 38.24 5.64 -4.10
C ARG B 225 38.95 6.85 -4.74
C ARG B 225 38.95 6.86 -4.69
N GLN B 226 40.27 6.79 -4.82
CA GLN B 226 41.05 7.91 -5.35
C GLN B 226 40.84 7.98 -6.86
N HIS B 227 40.86 6.83 -7.52
CA HIS B 227 40.53 6.79 -8.93
C HIS B 227 39.16 7.41 -9.17
N LEU B 228 38.16 7.02 -8.38
CA LEU B 228 36.81 7.51 -8.56
C LEU B 228 36.76 9.03 -8.32
N LEU B 229 37.47 9.46 -7.28
CA LEU B 229 37.55 10.87 -6.94
C LEU B 229 38.05 11.68 -8.11
N ARG B 230 39.00 11.16 -8.89
CA ARG B 230 39.58 11.94 -10.01
C ARG B 230 38.58 12.20 -11.13
N TRP B 231 37.51 11.41 -11.16
CA TRP B 231 36.37 11.69 -12.03
C TRP B 231 35.25 12.37 -11.30
N GLY B 232 35.57 13.23 -10.34
CA GLY B 232 34.57 13.98 -9.58
C GLY B 232 33.47 13.13 -8.97
N LEU B 233 33.85 12.03 -8.31
CA LEU B 233 32.91 11.20 -7.58
C LEU B 233 33.39 11.08 -6.14
N THR B 234 32.92 11.97 -5.28
CA THR B 234 33.49 12.14 -3.94
C THR B 234 32.96 11.20 -2.86
N THR B 235 32.70 9.94 -3.21
CA THR B 235 32.10 8.99 -2.28
C THR B 235 33.06 8.64 -1.14
N PRO B 244 30.36 1.49 12.55
CA PRO B 244 29.81 0.74 11.41
C PRO B 244 28.50 1.36 10.89
N PRO B 245 28.34 1.49 9.55
CA PRO B 245 27.15 2.18 9.03
C PRO B 245 25.80 1.48 9.29
N PHE B 246 25.66 0.25 8.79
CA PHE B 246 24.41 -0.52 8.88
C PHE B 246 24.50 -1.60 9.95
N LEU B 247 23.35 -1.99 10.52
CA LEU B 247 23.29 -3.09 11.47
C LEU B 247 23.09 -4.45 10.76
N TRP B 248 22.62 -4.41 9.51
CA TRP B 248 22.33 -5.62 8.72
C TRP B 248 23.50 -6.11 7.90
N MET B 249 24.61 -5.37 7.93
CA MET B 249 25.89 -5.86 7.42
C MET B 249 27.04 -5.05 8.02
N GLY B 250 28.24 -5.62 7.93
CA GLY B 250 29.46 -4.98 8.44
C GLY B 250 30.13 -4.14 7.36
N TYR B 251 31.31 -3.60 7.68
CA TYR B 251 32.11 -2.85 6.70
C TYR B 251 32.21 -3.64 5.39
N GLU B 252 32.59 -4.90 5.49
CA GLU B 252 32.72 -5.74 4.32
C GLU B 252 31.70 -6.88 4.37
N LEU B 253 31.41 -7.46 3.20
CA LEU B 253 30.73 -8.74 3.09
C LEU B 253 31.77 -9.86 3.05
N HIS B 254 31.41 -11.05 3.54
CA HIS B 254 32.31 -12.19 3.49
C HIS B 254 31.54 -13.37 2.97
N PRO B 255 31.40 -13.44 1.65
CA PRO B 255 30.54 -14.42 1.01
C PRO B 255 31.09 -15.83 1.02
N ASP B 256 32.41 -16.00 1.05
CA ASP B 256 32.97 -17.36 1.21
C ASP B 256 32.57 -17.98 2.56
N LYS B 257 32.21 -17.15 3.53
CA LYS B 257 31.72 -17.61 4.83
C LYS B 257 30.33 -18.20 4.74
N TRP B 258 29.47 -17.60 3.90
CA TRP B 258 28.09 -18.04 3.79
C TRP B 258 28.01 -19.50 3.41
N THR B 259 27.40 -20.31 4.28
CA THR B 259 27.29 -21.75 4.04
C THR B 259 25.93 -22.24 4.53
N VAL B 260 25.62 -23.49 4.18
CA VAL B 260 24.30 -24.07 4.39
C VAL B 260 23.69 -23.77 5.76
N GLN B 261 22.39 -23.53 5.76
CA GLN B 261 21.56 -23.62 6.96
C GLN B 261 20.84 -24.99 6.89
N PRO B 262 21.43 -26.04 7.49
CA PRO B 262 20.78 -27.35 7.38
C PRO B 262 19.47 -27.44 8.19
N ILE B 263 18.43 -27.94 7.55
CA ILE B 263 17.29 -28.47 8.29
C ILE B 263 17.95 -29.42 9.28
N VAL B 264 17.72 -29.18 10.56
CA VAL B 264 18.41 -29.90 11.61
C VAL B 264 17.36 -30.71 12.39
N LEU B 265 17.67 -31.97 12.68
CA LEU B 265 16.74 -32.83 13.41
C LEU B 265 17.16 -32.92 14.87
N PRO B 266 16.18 -32.96 15.79
CA PRO B 266 16.55 -32.95 17.21
C PRO B 266 17.26 -34.22 17.67
N GLU B 267 17.98 -34.12 18.78
CA GLU B 267 18.65 -35.27 19.37
C GLU B 267 18.22 -35.41 20.81
N LYS B 268 17.58 -36.54 21.12
CA LYS B 268 16.99 -36.80 22.42
C LYS B 268 17.43 -38.16 22.94
N ASP B 269 17.54 -38.27 24.26
CA ASP B 269 17.75 -39.57 24.91
C ASP B 269 16.44 -40.24 25.27
N SER B 270 15.32 -39.52 25.11
CA SER B 270 13.99 -40.10 25.32
C SER B 270 12.97 -39.48 24.35
N TRP B 271 12.24 -40.34 23.66
CA TRP B 271 11.29 -39.95 22.62
C TRP B 271 9.87 -40.28 23.00
N THR B 272 9.00 -39.29 22.93
CA THR B 272 7.57 -39.51 23.15
C THR B 272 6.89 -39.68 21.82
N VAL B 273 5.67 -40.19 21.87
CA VAL B 273 4.84 -40.32 20.69
C VAL B 273 4.73 -38.94 20.03
N ASN B 274 4.54 -37.91 20.84
CA ASN B 274 4.44 -36.55 20.29
C ASN B 274 5.72 -36.13 19.60
N ASP B 275 6.87 -36.42 20.22
CA ASP B 275 8.18 -36.10 19.61
C ASP B 275 8.38 -36.80 18.26
N ILE B 276 7.93 -38.05 18.16
CA ILE B 276 8.12 -38.82 16.92
C ILE B 276 7.21 -38.25 15.83
N GLN B 277 5.97 -37.95 16.22
CA GLN B 277 5.01 -37.35 15.31
C GLN B 277 5.54 -36.05 14.73
N LYS B 278 6.08 -35.19 15.60
CA LYS B 278 6.77 -33.97 15.18
C LYS B 278 7.87 -34.28 14.18
N LEU B 279 8.71 -35.25 14.53
CA LEU B 279 9.82 -35.61 13.67
C LEU B 279 9.34 -36.10 12.31
N VAL B 280 8.33 -36.94 12.30
CA VAL B 280 7.81 -37.45 11.03
C VAL B 280 7.26 -36.31 10.17
N GLY B 281 6.58 -35.36 10.79
CA GLY B 281 6.06 -34.23 10.05
C GLY B 281 7.18 -33.40 9.45
N LYS B 282 8.25 -33.23 10.22
CA LYS B 282 9.39 -32.43 9.76
C LYS B 282 10.09 -33.14 8.59
N LEU B 283 10.32 -34.45 8.76
CA LEU B 283 10.94 -35.28 7.72
C LEU B 283 10.08 -35.35 6.46
N ASN B 284 8.77 -35.38 6.64
CA ASN B 284 7.85 -35.51 5.51
C ASN B 284 8.01 -34.31 4.59
N TRP B 285 8.08 -33.15 5.20
CA TRP B 285 8.23 -31.94 4.43
C TRP B 285 9.65 -31.78 3.92
N ALA B 286 10.64 -32.17 4.73
CA ALA B 286 12.03 -32.22 4.25
C ALA B 286 12.20 -33.07 2.97
N SER B 287 11.38 -34.12 2.82
CA SER B 287 11.50 -35.04 1.67
C SER B 287 11.05 -34.46 0.32
N GLN B 288 10.28 -33.38 0.36
CA GLN B 288 9.95 -32.67 -0.87
C GLN B 288 11.13 -31.88 -1.44
N ILE B 289 12.07 -31.52 -0.57
CA ILE B 289 13.28 -30.81 -0.98
C ILE B 289 14.38 -31.84 -1.23
N TYR B 290 14.69 -32.63 -0.21
CA TYR B 290 15.77 -33.62 -0.32
C TYR B 290 15.23 -34.97 -0.75
N PRO B 291 15.86 -35.58 -1.76
CA PRO B 291 15.57 -37.00 -2.00
C PRO B 291 16.21 -37.90 -0.92
N GLY B 292 15.74 -39.15 -0.82
CA GLY B 292 16.32 -40.14 0.08
C GLY B 292 15.69 -40.20 1.46
N ILE B 293 15.10 -39.09 1.90
CA ILE B 293 14.49 -39.00 3.22
C ILE B 293 13.44 -40.09 3.39
N LYS B 294 13.59 -40.90 4.42
CA LYS B 294 12.68 -42.02 4.67
C LYS B 294 12.08 -41.94 6.08
N VAL B 295 10.80 -42.29 6.21
CA VAL B 295 10.14 -42.31 7.51
C VAL B 295 9.48 -43.64 7.87
N ARG B 296 9.58 -44.64 7.00
CA ARG B 296 8.88 -45.92 7.21
C ARG B 296 9.11 -46.44 8.62
N GLN B 297 10.38 -46.55 9.01
CA GLN B 297 10.73 -47.12 10.30
C GLN B 297 10.19 -46.29 11.47
N LEU B 298 10.24 -44.96 11.37
CA LEU B 298 9.76 -44.09 12.45
C LEU B 298 8.26 -44.23 12.65
N CYS B 299 7.53 -44.38 11.55
CA CYS B 299 6.07 -44.56 11.61
C CYS B 299 5.67 -45.90 12.21
N LYS B 300 6.47 -46.94 11.98
CA LYS B 300 6.23 -48.25 12.59
C LYS B 300 6.12 -48.15 14.12
N LEU B 301 6.89 -47.25 14.71
CA LEU B 301 6.86 -47.03 16.15
C LEU B 301 5.53 -46.45 16.65
N LEU B 302 4.79 -45.78 15.76
CA LEU B 302 3.53 -45.15 16.15
C LEU B 302 2.29 -46.05 15.93
N ARG B 303 2.48 -47.30 15.53
CA ARG B 303 1.34 -48.25 15.34
C ARG B 303 0.37 -48.22 16.53
N GLY B 304 -0.94 -48.24 16.24
CA GLY B 304 -1.96 -48.17 17.29
C GLY B 304 -2.34 -46.74 17.64
N THR B 305 -3.26 -46.56 18.57
CA THR B 305 -3.80 -45.24 18.94
C THR B 305 -3.23 -44.80 20.28
N LYS B 306 -2.03 -44.21 20.25
CA LYS B 306 -1.24 -43.96 21.45
C LYS B 306 -1.46 -42.59 22.13
N ALA B 307 -1.27 -42.57 23.44
CA ALA B 307 -1.19 -41.35 24.23
C ALA B 307 0.00 -40.54 23.72
N LEU B 308 -0.19 -39.23 23.56
CA LEU B 308 0.91 -38.37 23.06
C LEU B 308 2.14 -38.36 23.96
N THR B 309 1.96 -38.57 25.26
CA THR B 309 3.08 -38.47 26.22
C THR B 309 3.76 -39.84 26.48
N GLU B 310 3.29 -40.89 25.81
CA GLU B 310 3.87 -42.24 26.02
C GLU B 310 5.28 -42.23 25.42
N VAL B 311 6.23 -42.75 26.20
CA VAL B 311 7.62 -42.81 25.77
C VAL B 311 7.81 -44.06 24.92
N ILE B 312 8.43 -43.88 23.76
CA ILE B 312 8.64 -44.95 22.80
C ILE B 312 10.15 -45.11 22.61
N PRO B 313 10.72 -46.25 23.04
CA PRO B 313 12.14 -46.41 22.81
C PRO B 313 12.38 -46.69 21.33
N LEU B 314 13.37 -46.01 20.74
CA LEU B 314 13.70 -46.23 19.34
C LEU B 314 14.34 -47.61 19.15
N THR B 315 13.75 -48.42 18.29
CA THR B 315 14.37 -49.64 17.82
C THR B 315 15.59 -49.31 16.95
N GLU B 316 16.50 -50.26 16.83
CA GLU B 316 17.75 -50.09 16.08
C GLU B 316 17.52 -49.67 14.63
N GLU B 317 16.44 -50.16 14.02
CA GLU B 317 16.10 -49.80 12.64
C GLU B 317 15.76 -48.32 12.55
N ALA B 318 14.81 -47.86 13.36
CA ALA B 318 14.46 -46.44 13.40
C ALA B 318 15.70 -45.57 13.60
N GLU B 319 16.59 -45.98 14.50
CA GLU B 319 17.82 -45.23 14.79
C GLU B 319 18.66 -45.04 13.53
N LEU B 320 18.80 -46.09 12.73
CA LEU B 320 19.60 -46.03 11.50
C LEU B 320 18.95 -45.11 10.46
N GLU B 321 17.63 -45.25 10.29
CA GLU B 321 16.87 -44.37 9.40
C GLU B 321 17.13 -42.90 9.75
N LEU B 322 16.97 -42.58 11.04
CA LEU B 322 17.25 -41.25 11.57
C LEU B 322 18.67 -40.78 11.22
N ALA B 323 19.66 -41.66 11.42
CA ALA B 323 21.05 -41.34 11.11
C ALA B 323 21.26 -41.03 9.62
N GLU B 324 20.65 -41.84 8.76
CA GLU B 324 20.71 -41.62 7.30
C GLU B 324 20.09 -40.29 6.92
N ASN B 325 18.94 -40.00 7.50
CA ASN B 325 18.28 -38.73 7.27
C ASN B 325 19.16 -37.53 7.64
N ARG B 326 19.86 -37.63 8.78
CA ARG B 326 20.80 -36.57 9.19
C ARG B 326 21.88 -36.35 8.16
N GLU B 327 22.49 -37.43 7.68
CA GLU B 327 23.53 -37.32 6.66
C GLU B 327 23.02 -36.60 5.42
N ILE B 328 21.81 -36.95 4.98
CA ILE B 328 21.23 -36.33 3.78
C ILE B 328 21.14 -34.83 3.96
N LEU B 329 20.56 -34.41 5.08
CA LEU B 329 20.30 -32.99 5.33
C LEU B 329 21.56 -32.12 5.47
N LYS B 330 22.70 -32.73 5.78
CA LYS B 330 23.97 -32.00 5.86
C LYS B 330 24.55 -31.58 4.51
N GLU B 331 24.16 -32.26 3.43
CA GLU B 331 24.79 -32.08 2.12
C GLU B 331 23.88 -31.26 1.22
N PRO B 332 24.42 -30.71 0.11
CA PRO B 332 23.54 -29.92 -0.77
C PRO B 332 22.50 -30.77 -1.51
N VAL B 333 21.58 -30.09 -2.16
CA VAL B 333 20.48 -30.75 -2.88
C VAL B 333 20.87 -31.01 -4.32
N HIS B 334 21.06 -32.27 -4.63
CA HIS B 334 21.35 -32.70 -5.98
C HIS B 334 20.31 -32.20 -6.96
N GLY B 335 20.73 -31.57 -8.05
CA GLY B 335 19.83 -31.30 -9.16
C GLY B 335 19.17 -29.94 -9.21
N VAL B 336 19.50 -29.04 -8.27
CA VAL B 336 18.91 -27.72 -8.22
C VAL B 336 19.94 -26.68 -8.71
N TYR B 337 19.57 -25.93 -9.73
CA TYR B 337 20.46 -24.99 -10.37
C TYR B 337 19.71 -23.72 -10.63
N TYR B 338 20.42 -22.60 -10.53
CA TYR B 338 19.89 -21.31 -10.91
C TYR B 338 19.60 -21.25 -12.40
N ASP B 339 18.43 -20.72 -12.75
CA ASP B 339 18.03 -20.48 -14.12
C ASP B 339 17.92 -18.97 -14.31
N PRO B 340 18.81 -18.37 -15.15
CA PRO B 340 18.81 -16.92 -15.35
C PRO B 340 17.56 -16.36 -16.04
N SER B 341 16.77 -17.21 -16.69
CA SER B 341 15.53 -16.73 -17.35
C SER B 341 14.37 -16.55 -16.35
N LYS B 342 14.56 -16.94 -15.10
CA LYS B 342 13.50 -17.00 -14.12
C LYS B 342 13.73 -16.06 -12.92
N ASP B 343 12.63 -15.53 -12.38
CA ASP B 343 12.69 -14.66 -11.22
C ASP B 343 13.09 -15.44 -9.97
N LEU B 344 13.71 -14.76 -9.04
CA LEU B 344 14.01 -15.34 -7.74
C LEU B 344 12.91 -14.96 -6.75
N ILE B 345 12.62 -15.88 -5.84
CA ILE B 345 11.64 -15.66 -4.80
C ILE B 345 12.27 -15.88 -3.46
N ALA B 346 11.96 -15.01 -2.50
CA ALA B 346 12.47 -15.18 -1.16
C ALA B 346 11.29 -15.26 -0.18
N GLU B 347 11.28 -16.25 0.69
CA GLU B 347 10.28 -16.37 1.73
C GLU B 347 11.01 -16.19 3.02
N ILE B 348 10.34 -15.58 3.99
CA ILE B 348 10.93 -15.27 5.29
C ILE B 348 9.96 -15.68 6.38
N GLN B 349 10.46 -16.30 7.45
CA GLN B 349 9.67 -16.67 8.61
C GLN B 349 10.19 -16.01 9.88
N LYS B 350 9.28 -15.41 10.65
CA LYS B 350 9.58 -14.92 11.99
C LYS B 350 9.65 -16.12 12.94
N GLN B 351 10.80 -16.29 13.58
CA GLN B 351 11.03 -17.39 14.47
C GLN B 351 10.94 -16.99 15.93
N GLY B 352 10.97 -15.69 16.20
CA GLY B 352 10.89 -15.17 17.56
C GLY B 352 12.27 -14.90 18.11
N GLN B 353 12.31 -14.16 19.22
CA GLN B 353 13.56 -13.78 19.87
C GLN B 353 14.51 -13.17 18.85
N GLY B 354 13.98 -12.32 17.97
CA GLY B 354 14.81 -11.59 17.01
C GLY B 354 15.39 -12.42 15.87
N GLN B 355 14.88 -13.62 15.67
CA GLN B 355 15.43 -14.53 14.68
C GLN B 355 14.43 -14.66 13.53
N TRP B 356 14.98 -14.73 12.31
CA TRP B 356 14.21 -14.84 11.09
C TRP B 356 14.91 -15.86 10.23
N THR B 357 14.16 -16.68 9.49
CA THR B 357 14.73 -17.70 8.60
C THR B 357 14.28 -17.30 7.22
N TYR B 358 15.02 -17.74 6.20
CA TYR B 358 14.68 -17.39 4.82
C TYR B 358 15.19 -18.42 3.81
N GLN B 359 14.49 -18.49 2.68
CA GLN B 359 14.81 -19.40 1.60
C GLN B 359 14.60 -18.64 0.30
N ILE B 360 15.52 -18.85 -0.65
CA ILE B 360 15.46 -18.27 -1.99
C ILE B 360 15.35 -19.44 -2.95
N TYR B 361 14.37 -19.38 -3.83
CA TYR B 361 14.14 -20.39 -4.87
C TYR B 361 13.56 -19.73 -6.10
N GLN B 362 13.43 -20.50 -7.16
CA GLN B 362 12.74 -20.09 -8.35
C GLN B 362 11.54 -20.98 -8.61
N GLU B 363 11.71 -22.29 -8.40
CA GLU B 363 10.61 -23.26 -8.33
C GLU B 363 10.47 -23.72 -6.88
N PRO B 364 9.25 -23.81 -6.37
CA PRO B 364 9.05 -24.08 -4.94
C PRO B 364 9.65 -25.42 -4.46
N PHE B 365 10.24 -25.41 -3.26
CA PHE B 365 11.05 -26.54 -2.72
C PHE B 365 12.37 -26.78 -3.43
N LYS B 366 12.77 -25.91 -4.33
CA LYS B 366 14.02 -26.12 -5.03
C LYS B 366 14.91 -24.99 -4.57
N ASN B 367 15.20 -25.03 -3.27
CA ASN B 367 15.95 -23.97 -2.61
C ASN B 367 17.34 -23.81 -3.20
N LEU B 368 17.63 -22.61 -3.65
CA LEU B 368 18.97 -22.24 -4.13
C LEU B 368 19.87 -21.79 -2.97
N LYS B 369 19.26 -21.26 -1.92
CA LYS B 369 19.97 -20.74 -0.76
C LYS B 369 18.98 -20.66 0.40
N THR B 370 19.43 -21.05 1.58
CA THR B 370 18.67 -20.79 2.78
C THR B 370 19.56 -20.06 3.80
N GLY B 371 18.95 -19.42 4.78
CA GLY B 371 19.74 -18.77 5.82
C GLY B 371 18.90 -18.32 6.99
N LYS B 372 19.55 -17.55 7.86
CA LYS B 372 18.97 -17.05 9.09
C LYS B 372 19.51 -15.63 9.27
N TYR B 373 18.66 -14.68 9.66
CA TYR B 373 19.11 -13.37 10.07
C TYR B 373 18.76 -13.19 11.55
N ALA B 374 19.70 -12.72 12.37
CA ALA B 374 19.49 -12.61 13.84
C ALA B 374 19.88 -11.25 14.43
N ARG B 375 19.02 -10.73 15.32
CA ARG B 375 19.34 -9.57 16.18
C ARG B 375 19.48 -8.28 15.38
N THR B 381 14.75 -2.51 19.48
CA THR B 381 14.32 -2.91 18.14
C THR B 381 12.79 -3.12 18.08
N ASN B 382 12.31 -3.49 16.90
CA ASN B 382 10.95 -3.95 16.71
C ASN B 382 10.84 -4.83 15.45
N ASP B 383 9.71 -5.52 15.28
CA ASP B 383 9.51 -6.47 14.18
C ASP B 383 9.76 -5.90 12.80
N VAL B 384 9.27 -4.68 12.59
CA VAL B 384 9.35 -4.07 11.29
C VAL B 384 10.79 -3.67 10.99
N LYS B 385 11.46 -3.05 11.95
CA LYS B 385 12.89 -2.81 11.82
C LYS B 385 13.66 -4.08 11.46
N GLN B 386 13.47 -5.14 12.24
CA GLN B 386 14.22 -6.37 11.99
C GLN B 386 13.93 -6.94 10.64
N LEU B 387 12.67 -6.84 10.20
CA LEU B 387 12.32 -7.44 8.91
C LEU B 387 12.98 -6.64 7.77
N THR B 388 13.03 -5.31 7.90
CA THR B 388 13.65 -4.49 6.85
C THR B 388 15.13 -4.79 6.79
N GLU B 389 15.74 -5.05 7.94
CA GLU B 389 17.14 -5.46 7.99
C GLU B 389 17.37 -6.80 7.28
N ALA B 390 16.49 -7.75 7.53
CA ALA B 390 16.64 -9.05 6.90
C ALA B 390 16.48 -8.91 5.39
N VAL B 391 15.51 -8.14 4.97
CA VAL B 391 15.24 -7.98 3.54
C VAL B 391 16.47 -7.37 2.83
N GLN B 392 17.03 -6.31 3.41
CA GLN B 392 18.23 -5.67 2.85
C GLN B 392 19.40 -6.63 2.81
N LYS B 393 19.62 -7.38 3.88
CA LYS B 393 20.69 -8.39 3.88
C LYS B 393 20.49 -9.45 2.83
N ILE B 394 19.26 -9.95 2.70
CA ILE B 394 19.01 -11.04 1.78
C ILE B 394 19.20 -10.53 0.33
N THR B 395 18.73 -9.32 0.05
CA THR B 395 18.84 -8.75 -1.30
C THR B 395 20.32 -8.56 -1.72
N THR B 396 21.12 -8.04 -0.79
CA THR B 396 22.57 -7.85 -0.99
C THR B 396 23.24 -9.16 -1.32
N GLU B 397 22.93 -10.22 -0.55
CA GLU B 397 23.50 -11.53 -0.81
C GLU B 397 23.14 -11.98 -2.21
N SER B 398 21.91 -11.70 -2.57
CA SER B 398 21.36 -12.18 -3.82
C SER B 398 22.01 -11.43 -5.02
N ILE B 399 22.28 -10.14 -4.83
CA ILE B 399 23.03 -9.35 -5.83
C ILE B 399 24.40 -9.95 -6.02
N VAL B 400 25.07 -10.26 -4.91
CA VAL B 400 26.39 -10.85 -4.99
C VAL B 400 26.39 -12.22 -5.66
N ILE B 401 25.41 -13.04 -5.34
CA ILE B 401 25.38 -14.40 -5.86
C ILE B 401 24.89 -14.48 -7.31
N TRP B 402 23.84 -13.75 -7.65
CA TRP B 402 23.20 -13.85 -8.98
C TRP B 402 23.09 -12.57 -9.78
N GLY B 403 23.38 -11.43 -9.18
CA GLY B 403 23.19 -10.14 -9.88
C GLY B 403 21.73 -9.83 -10.13
N LYS B 404 20.86 -10.31 -9.26
CA LYS B 404 19.42 -10.12 -9.37
C LYS B 404 18.88 -9.98 -7.96
N THR B 405 17.79 -9.24 -7.79
CA THR B 405 17.12 -9.14 -6.50
C THR B 405 15.93 -10.12 -6.46
N PRO B 406 15.64 -10.71 -5.30
CA PRO B 406 14.48 -11.59 -5.22
C PRO B 406 13.18 -10.80 -5.07
N LYS B 407 12.06 -11.43 -5.38
CA LYS B 407 10.75 -10.90 -4.99
C LYS B 407 10.38 -11.49 -3.63
N PHE B 408 10.14 -10.64 -2.62
CA PHE B 408 9.93 -11.11 -1.25
C PHE B 408 8.48 -11.41 -0.93
N LYS B 409 8.26 -12.53 -0.23
CA LYS B 409 6.96 -12.81 0.37
C LYS B 409 7.07 -12.43 1.84
N LEU B 410 6.56 -11.27 2.19
CA LEU B 410 6.75 -10.70 3.53
C LEU B 410 5.60 -11.04 4.49
N PRO B 411 5.95 -11.59 5.69
CA PRO B 411 4.95 -11.93 6.71
C PRO B 411 4.49 -10.72 7.55
N ILE B 412 3.75 -9.82 6.90
CA ILE B 412 3.31 -8.59 7.55
C ILE B 412 2.13 -7.96 6.78
N GLN B 413 1.30 -7.21 7.50
CA GLN B 413 0.22 -6.47 6.87
C GLN B 413 0.82 -5.41 5.95
N LYS B 414 0.25 -5.32 4.76
CA LYS B 414 0.70 -4.42 3.71
C LYS B 414 0.83 -2.98 4.22
N GLU B 415 -0.24 -2.47 4.80
CA GLU B 415 -0.26 -1.08 5.25
C GLU B 415 0.83 -0.80 6.29
N THR B 416 1.09 -1.76 7.18
CA THR B 416 2.09 -1.59 8.22
C THR B 416 3.47 -1.44 7.60
N TRP B 417 3.76 -2.29 6.62
CA TRP B 417 5.01 -2.22 5.93
C TRP B 417 5.13 -0.90 5.22
N GLU B 418 4.08 -0.53 4.49
CA GLU B 418 4.15 0.68 3.68
C GLU B 418 4.35 1.92 4.54
N THR B 419 3.74 1.94 5.71
CA THR B 419 3.91 3.02 6.67
C THR B 419 5.34 3.13 7.18
N TRP B 420 5.97 2.00 7.48
CA TRP B 420 7.16 2.02 8.32
C TRP B 420 8.47 1.71 7.66
N TRP B 421 8.48 1.07 6.50
CA TRP B 421 9.72 0.51 5.94
C TRP B 421 10.80 1.54 5.69
N THR B 422 10.39 2.74 5.29
CA THR B 422 11.33 3.82 5.00
C THR B 422 12.00 4.37 6.24
N GLU B 423 11.41 4.13 7.43
CA GLU B 423 12.02 4.59 8.67
C GLU B 423 13.36 3.91 8.94
N TYR B 424 13.55 2.73 8.37
CA TYR B 424 14.71 1.92 8.66
C TYR B 424 15.48 1.56 7.40
N TRP B 425 14.96 1.89 6.23
CA TRP B 425 15.60 1.47 4.97
C TRP B 425 16.81 2.31 4.70
N GLN B 426 17.88 1.67 4.30
CA GLN B 426 19.12 2.36 3.98
C GLN B 426 19.74 2.04 2.62
N ALA B 427 19.20 1.06 1.91
CA ALA B 427 19.70 0.70 0.58
C ALA B 427 19.16 1.69 -0.48
N THR B 428 19.86 1.82 -1.60
CA THR B 428 19.46 2.75 -2.65
C THR B 428 18.58 2.05 -3.69
N TRP B 429 18.39 0.74 -3.53
CA TRP B 429 17.47 -0.04 -4.36
C TRP B 429 16.30 -0.50 -3.51
N ILE B 430 15.28 -1.01 -4.18
CA ILE B 430 14.06 -1.53 -3.52
C ILE B 430 13.66 -2.79 -4.28
N PRO B 431 13.63 -3.95 -3.63
CA PRO B 431 13.21 -5.17 -4.29
C PRO B 431 11.70 -5.19 -4.47
N GLU B 432 11.20 -6.03 -5.36
CA GLU B 432 9.76 -6.30 -5.43
C GLU B 432 9.32 -7.06 -4.17
N TRP B 433 8.08 -6.86 -3.77
CA TRP B 433 7.53 -7.60 -2.65
C TRP B 433 6.03 -7.74 -2.75
N GLU B 434 5.53 -8.71 -2.00
CA GLU B 434 4.11 -8.95 -1.81
C GLU B 434 3.97 -9.44 -0.36
N PHE B 435 2.73 -9.55 0.09
CA PHE B 435 2.43 -9.79 1.49
C PHE B 435 1.61 -11.05 1.65
N VAL B 436 2.04 -11.87 2.60
CA VAL B 436 1.44 -13.17 2.82
C VAL B 436 1.17 -13.34 4.29
N ASN B 437 0.32 -14.30 4.61
CA ASN B 437 0.21 -14.84 5.97
C ASN B 437 0.25 -16.35 5.83
N THR B 438 1.48 -16.87 5.85
CA THR B 438 1.77 -18.28 5.60
C THR B 438 2.26 -18.95 6.88
N PRO B 439 1.34 -19.18 7.82
CA PRO B 439 1.70 -20.11 8.88
C PRO B 439 1.84 -21.51 8.27
N PRO B 440 1.76 -22.57 9.09
CA PRO B 440 2.11 -22.61 10.51
C PRO B 440 3.43 -23.32 10.72
N LEU B 441 3.56 -24.52 10.15
CA LEU B 441 4.66 -25.41 10.46
C LEU B 441 5.86 -25.21 9.52
N VAL B 442 5.68 -24.53 8.40
CA VAL B 442 6.82 -24.08 7.56
C VAL B 442 7.89 -23.39 8.44
N LYS B 443 7.42 -22.67 9.47
CA LYS B 443 8.31 -22.06 10.46
C LYS B 443 9.04 -23.12 11.30
N LEU B 444 8.29 -24.08 11.85
CA LEU B 444 8.87 -25.19 12.65
C LEU B 444 9.98 -25.93 11.90
N TRP B 445 9.79 -26.10 10.61
CA TRP B 445 10.67 -26.90 9.82
C TRP B 445 12.00 -26.25 9.49
N TYR B 446 12.09 -24.93 9.67
CA TYR B 446 13.35 -24.20 9.45
C TYR B 446 14.08 -23.76 10.73
N GLN B 447 13.53 -24.11 11.90
CA GLN B 447 14.25 -23.96 13.18
C GLN B 447 13.45 -24.61 14.30
MG MG C . -7.91 -35.56 7.17
MG MG D . -6.68 -38.35 6.80
MG MG E . -10.00 -34.46 5.02
O1 SRT F . -0.79 -40.02 30.27
O11 SRT F . -0.31 -41.60 28.80
C1 SRT F . -1.10 -41.02 29.58
C2 SRT F . -2.50 -41.55 29.66
O2 SRT F . -2.63 -42.41 30.80
C3 SRT F . -3.50 -40.42 29.81
O3 SRT F . -3.11 -39.31 29.01
C4 SRT F . -4.88 -40.83 29.42
O4 SRT F . -5.78 -40.60 30.25
O41 SRT F . -5.09 -41.37 28.32
N01 WHU G . -11.35 34.29 11.39
C02 WHU G . -11.52 32.99 10.91
N03 WHU G . -12.60 32.51 10.30
C04 WHU G . -12.30 31.20 10.04
CL WHU G . -13.47 30.20 9.25
C06 WHU G . -11.06 30.84 10.51
N07 WHU G . -10.56 32.03 11.04
C08 WHU G . -10.23 29.62 10.42
O09 WHU G . -9.05 29.66 10.72
N10 WHU G . -10.81 28.48 9.90
C11 WHU G . -10.02 27.29 9.64
C12 WHU G . -9.25 27.73 8.40
C13 WHU G . -7.90 27.98 8.37
C14 WHU G . -7.25 28.42 7.22
C15 WHU G . -8.02 28.67 6.08
BR WHU G . -7.22 29.30 4.51
C17 WHU G . -9.38 28.46 6.07
O18 WHU G . -10.14 28.70 4.94
C19 WHU G . -10.85 27.73 4.29
C20 WHU G . -10.30 26.42 4.17
C21 WHU G . -11.05 25.45 3.49
CL2 WHU G . -10.44 23.80 3.29
C23 WHU G . -12.28 25.76 2.93
C24 WHU G . -12.77 27.08 3.07
C27 WHU G . -12.07 28.07 3.75
C25 WHU G . -14.02 27.44 2.52
N26 WHU G . -15.04 27.73 2.07
C28 WHU G . -9.96 28.02 7.22
F29 WHU G . -11.28 27.84 7.18
#